data_8YL8
#
_entry.id   8YL8
#
_cell.length_a   88.007
_cell.length_b   90.270
_cell.length_c   130.015
_cell.angle_alpha   90.00
_cell.angle_beta   90.00
_cell.angle_gamma   90.00
#
_symmetry.space_group_name_H-M   'P 21 21 21'
#
loop_
_entity.id
_entity.type
_entity.pdbx_description
1 polymer 'De novo protein'
2 non-polymer 'SULFATE ION'
3 water water
#
_entity_poly.entity_id   1
_entity_poly.type   'polypeptide(L)'
_entity_poly.pdbx_seq_one_letter_code
;PDFTGARERFLAGDVTIVLLIAESHDAPYRLANPEDPEADLSDEQLERALAAYLTLVETLFPELYAEMKAALAAAKTPEE
KIAVFREYNARFLAEFDALIDQAFARLKADSLTLKIHLSQGKGSYEIIFPPEVQADPERAAAIEALWKPTLDQLLAVLQE
KHKGKPATTVTYEISAETLRAAVAALARAAEAALRRKVGSLESSGLEVLFQ
;
_entity_poly.pdbx_strand_id   A,B,C,D
#
loop_
_chem_comp.id
_chem_comp.type
_chem_comp.name
_chem_comp.formula
SO4 non-polymer 'SULFATE ION' 'O4 S -2'
#
# COMPACT_ATOMS: atom_id res chain seq x y z
N PRO A 1 28.28 0.95 -1.68
CA PRO A 1 27.04 0.54 -1.00
C PRO A 1 27.17 0.62 0.52
N ASP A 2 26.12 1.14 1.17
CA ASP A 2 26.12 1.37 2.61
C ASP A 2 25.37 0.23 3.32
N PHE A 3 26.08 -0.47 4.22
CA PHE A 3 25.54 -1.61 4.96
C PHE A 3 25.35 -1.33 6.45
N THR A 4 25.08 -0.08 6.84
CA THR A 4 24.91 0.21 8.25
C THR A 4 23.54 -0.30 8.73
N GLY A 5 23.54 -1.03 9.84
CA GLY A 5 22.28 -1.56 10.36
C GLY A 5 21.74 -2.81 9.69
N ALA A 6 22.44 -3.33 8.67
CA ALA A 6 21.92 -4.39 7.81
C ALA A 6 21.40 -5.60 8.58
N ARG A 7 22.10 -6.00 9.65
CA ARG A 7 21.65 -7.19 10.38
C ARG A 7 20.25 -7.01 10.98
N GLU A 8 20.02 -5.86 11.60
CA GLU A 8 18.73 -5.56 12.21
C GLU A 8 17.63 -5.50 11.14
N ARG A 9 17.90 -4.79 10.04
CA ARG A 9 16.92 -4.69 8.96
C ARG A 9 16.61 -6.06 8.38
N PHE A 10 17.64 -6.90 8.19
CA PHE A 10 17.41 -8.26 7.71
C PHE A 10 16.44 -8.98 8.64
N LEU A 11 16.68 -8.91 9.96
CA LEU A 11 15.75 -9.58 10.87
C LEU A 11 14.34 -8.98 10.74
N ALA A 12 14.24 -7.69 10.46
CA ALA A 12 12.95 -7.05 10.21
C ALA A 12 12.34 -7.42 8.86
N GLY A 13 13.05 -8.10 7.98
CA GLY A 13 12.47 -8.53 6.69
C GLY A 13 13.22 -8.03 5.46
N ASP A 14 14.33 -7.32 5.59
CA ASP A 14 15.07 -6.76 4.46
C ASP A 14 16.06 -7.78 3.89
N VAL A 15 15.50 -8.81 3.26
CA VAL A 15 16.33 -9.91 2.79
C VAL A 15 17.07 -9.60 1.48
N THR A 16 16.64 -8.60 0.72
CA THR A 16 17.32 -8.29 -0.54
C THR A 16 18.71 -7.69 -0.35
N ILE A 17 19.09 -7.36 0.88
CA ILE A 17 20.50 -7.05 1.15
C ILE A 17 21.40 -8.13 0.53
N VAL A 18 20.96 -9.39 0.58
CA VAL A 18 21.76 -10.47 -0.02
C VAL A 18 22.01 -10.16 -1.50
N LEU A 19 20.94 -9.87 -2.24
CA LEU A 19 21.10 -9.57 -3.66
C LEU A 19 22.01 -8.36 -3.85
N LEU A 20 21.82 -7.33 -3.03
CA LEU A 20 22.61 -6.13 -3.22
C LEU A 20 24.09 -6.48 -3.07
N ILE A 21 24.41 -7.25 -2.02
CA ILE A 21 25.82 -7.57 -1.82
C ILE A 21 26.34 -8.32 -3.03
N ALA A 22 25.58 -9.35 -3.46
CA ALA A 22 26.09 -10.19 -4.54
C ALA A 22 26.25 -9.38 -5.80
N GLU A 23 25.30 -8.48 -6.08
CA GLU A 23 25.36 -7.78 -7.35
C GLU A 23 26.41 -6.69 -7.31
N SER A 24 26.71 -6.14 -6.13
CA SER A 24 27.71 -5.09 -6.11
C SER A 24 29.10 -5.65 -6.35
N HIS A 25 29.29 -6.94 -6.13
CA HIS A 25 30.52 -7.62 -6.47
C HIS A 25 30.44 -8.31 -7.80
N ASP A 26 29.29 -8.25 -8.48
CA ASP A 26 29.06 -8.98 -9.72
C ASP A 26 29.37 -10.47 -9.53
N ALA A 27 28.94 -11.01 -8.42
CA ALA A 27 29.26 -12.39 -8.11
C ALA A 27 28.22 -13.33 -8.72
N PRO A 28 28.64 -14.55 -9.07
CA PRO A 28 27.69 -15.59 -9.52
C PRO A 28 27.06 -16.28 -8.33
N TYR A 29 25.73 -16.43 -8.34
CA TYR A 29 25.08 -17.17 -7.28
C TYR A 29 23.91 -18.04 -7.73
N ARG A 30 23.44 -17.92 -8.96
CA ARG A 30 22.38 -18.78 -9.49
C ARG A 30 23.03 -19.65 -10.56
N LEU A 31 23.60 -20.78 -10.12
CA LEU A 31 24.39 -21.63 -11.00
C LEU A 31 23.61 -22.85 -11.45
N ALA A 32 23.82 -23.25 -12.71
CA ALA A 32 23.14 -24.42 -13.26
C ALA A 32 23.52 -25.70 -12.51
N ASN A 33 24.82 -25.91 -12.30
CA ASN A 33 25.27 -27.07 -11.54
C ASN A 33 25.94 -26.58 -10.26
N PRO A 34 25.16 -26.31 -9.19
CA PRO A 34 25.73 -25.72 -7.98
C PRO A 34 26.46 -26.73 -7.11
N GLU A 35 27.05 -27.74 -7.71
CA GLU A 35 27.84 -28.73 -6.97
C GLU A 35 29.32 -28.63 -7.26
N ASP A 36 29.69 -28.39 -8.51
CA ASP A 36 31.08 -28.21 -8.95
C ASP A 36 31.20 -26.81 -9.52
N PRO A 37 31.48 -25.81 -8.69
CA PRO A 37 31.54 -24.43 -9.20
C PRO A 37 32.71 -24.20 -10.13
N GLU A 38 33.86 -24.81 -9.86
CA GLU A 38 35.04 -24.56 -10.68
C GLU A 38 34.88 -25.06 -12.11
N ALA A 39 33.94 -25.98 -12.35
CA ALA A 39 33.72 -26.50 -13.70
C ALA A 39 32.93 -25.54 -14.58
N ASP A 40 32.23 -24.56 -13.99
CA ASP A 40 31.49 -23.59 -14.76
C ASP A 40 32.04 -22.18 -14.64
N LEU A 41 32.90 -21.91 -13.65
CA LEU A 41 33.29 -20.54 -13.34
C LEU A 41 34.77 -20.35 -13.54
N SER A 42 35.11 -19.18 -14.06
CA SER A 42 36.49 -18.76 -14.22
C SER A 42 37.08 -18.35 -12.87
N ASP A 43 38.39 -18.07 -12.89
CA ASP A 43 39.08 -17.66 -11.66
C ASP A 43 38.56 -16.32 -11.14
N GLU A 44 38.30 -15.37 -12.04
CA GLU A 44 37.78 -14.08 -11.59
C GLU A 44 36.36 -14.23 -11.04
N GLN A 45 35.54 -15.09 -11.63
CA GLN A 45 34.22 -15.29 -11.07
C GLN A 45 34.28 -15.94 -9.69
N LEU A 46 35.15 -16.94 -9.51
CA LEU A 46 35.32 -17.54 -8.19
C LEU A 46 35.77 -16.50 -7.18
N GLU A 47 36.73 -15.65 -7.58
CA GLU A 47 37.19 -14.62 -6.68
C GLU A 47 36.06 -13.66 -6.30
N ARG A 48 35.21 -13.29 -7.27
CA ARG A 48 34.14 -12.35 -6.95
C ARG A 48 33.13 -12.99 -6.00
N ALA A 49 32.84 -14.28 -6.20
CA ALA A 49 32.01 -15.00 -5.25
C ALA A 49 32.65 -14.98 -3.85
N LEU A 50 33.97 -15.15 -3.77
CA LEU A 50 34.61 -15.12 -2.46
C LEU A 50 34.46 -13.75 -1.81
N ALA A 51 34.67 -12.68 -2.57
CA ALA A 51 34.55 -11.34 -2.01
C ALA A 51 33.13 -11.08 -1.52
N ALA A 52 32.14 -11.50 -2.31
CA ALA A 52 30.73 -11.31 -1.93
C ALA A 52 30.37 -12.14 -0.69
N TYR A 53 30.82 -13.39 -0.66
CA TYR A 53 30.53 -14.22 0.51
C TYR A 53 31.12 -13.60 1.76
N LEU A 54 32.37 -13.12 1.67
CA LEU A 54 33.00 -12.52 2.84
C LEU A 54 32.25 -11.28 3.29
N THR A 55 31.82 -10.43 2.34
CA THR A 55 31.02 -9.26 2.70
C THR A 55 29.74 -9.66 3.41
N LEU A 56 29.07 -10.69 2.89
CA LEU A 56 27.80 -11.13 3.46
C LEU A 56 27.98 -11.58 4.90
N VAL A 57 29.01 -12.39 5.16
CA VAL A 57 29.27 -12.89 6.51
C VAL A 57 29.63 -11.74 7.44
N GLU A 58 30.45 -10.81 6.95
CA GLU A 58 30.83 -9.69 7.80
C GLU A 58 29.63 -8.81 8.11
N THR A 59 28.75 -8.62 7.13
CA THR A 59 27.61 -7.72 7.30
C THR A 59 26.59 -8.32 8.26
N LEU A 60 26.26 -9.60 8.08
CA LEU A 60 25.19 -10.19 8.86
C LEU A 60 25.68 -10.81 10.17
N PHE A 61 26.96 -11.12 10.30
CA PHE A 61 27.47 -11.84 11.48
C PHE A 61 28.90 -11.37 11.77
N PRO A 62 29.05 -10.09 12.12
CA PRO A 62 30.42 -9.53 12.22
C PRO A 62 31.28 -10.18 13.27
N GLU A 63 30.68 -10.62 14.38
CA GLU A 63 31.43 -11.32 15.42
C GLU A 63 31.99 -12.63 14.88
N LEU A 64 31.15 -13.38 14.18
CA LEU A 64 31.57 -14.64 13.59
C LEU A 64 32.67 -14.40 12.56
N TYR A 65 32.56 -13.31 11.81
CA TYR A 65 33.57 -12.98 10.81
C TYR A 65 34.92 -12.69 11.46
N ALA A 66 34.93 -11.93 12.57
CA ALA A 66 36.19 -11.67 13.27
C ALA A 66 36.81 -12.97 13.78
N GLU A 67 35.99 -13.85 14.33
CA GLU A 67 36.48 -15.15 14.80
C GLU A 67 37.11 -15.95 13.67
N MET A 68 36.42 -16.01 12.53
CA MET A 68 36.91 -16.78 11.39
C MET A 68 38.19 -16.19 10.84
N LYS A 69 38.26 -14.87 10.77
CA LYS A 69 39.47 -14.19 10.32
C LYS A 69 40.66 -14.53 11.21
N ALA A 70 40.47 -14.47 12.53
CA ALA A 70 41.57 -14.78 13.46
C ALA A 70 42.01 -16.22 13.33
N ALA A 71 41.06 -17.16 13.27
CA ALA A 71 41.43 -18.57 13.17
C ALA A 71 42.15 -18.85 11.85
N LEU A 72 41.72 -18.20 10.76
CA LEU A 72 42.42 -18.38 9.49
C LEU A 72 43.85 -17.85 9.57
N ALA A 73 44.04 -16.69 10.19
CA ALA A 73 45.38 -16.15 10.30
C ALA A 73 46.27 -17.07 11.14
N ALA A 74 45.70 -17.70 12.16
CA ALA A 74 46.48 -18.60 13.01
C ALA A 74 46.82 -19.92 12.33
N ALA A 75 45.97 -20.38 11.41
CA ALA A 75 46.25 -21.62 10.68
C ALA A 75 47.52 -21.48 9.83
N LYS A 76 48.37 -22.50 9.88
CA LYS A 76 49.67 -22.40 9.25
C LYS A 76 49.70 -23.00 7.85
N THR A 77 49.01 -24.09 7.65
CA THR A 77 49.09 -24.82 6.40
C THR A 77 47.85 -24.60 5.54
N PRO A 78 47.96 -24.84 4.23
CA PRO A 78 46.76 -24.77 3.38
C PRO A 78 45.63 -25.66 3.87
N GLU A 79 45.97 -26.87 4.31
CA GLU A 79 44.96 -27.83 4.71
C GLU A 79 44.16 -27.32 5.90
N GLU A 80 44.86 -26.74 6.89
CA GLU A 80 44.18 -26.23 8.07
C GLU A 80 43.33 -25.01 7.72
N LYS A 81 43.80 -24.19 6.79
CA LYS A 81 42.98 -23.05 6.40
C LYS A 81 41.69 -23.53 5.77
N ILE A 82 41.77 -24.58 4.92
CA ILE A 82 40.57 -25.14 4.31
C ILE A 82 39.63 -25.65 5.40
N ALA A 83 40.18 -26.39 6.36
CA ALA A 83 39.36 -26.99 7.42
C ALA A 83 38.70 -25.93 8.28
N VAL A 84 39.45 -24.89 8.64
CA VAL A 84 38.90 -23.78 9.42
C VAL A 84 37.76 -23.11 8.66
N PHE A 85 37.98 -22.88 7.36
CA PHE A 85 36.95 -22.24 6.56
C PHE A 85 35.70 -23.09 6.50
N ARG A 86 35.86 -24.39 6.31
CA ARG A 86 34.68 -25.26 6.22
C ARG A 86 33.90 -25.27 7.53
N GLU A 87 34.61 -25.29 8.66
CA GLU A 87 33.96 -25.27 9.97
C GLU A 87 33.15 -23.98 10.16
N TYR A 88 33.79 -22.84 9.92
CA TYR A 88 33.08 -21.59 10.10
C TYR A 88 31.99 -21.41 9.07
N ASN A 89 32.18 -21.97 7.87
CA ASN A 89 31.13 -21.88 6.88
C ASN A 89 29.89 -22.65 7.32
N ALA A 90 30.08 -23.84 7.91
CA ALA A 90 28.93 -24.58 8.42
C ALA A 90 28.21 -23.78 9.48
N ARG A 91 28.97 -23.16 10.38
CA ARG A 91 28.36 -22.31 11.40
C ARG A 91 27.58 -21.16 10.75
N PHE A 92 28.17 -20.54 9.73
CA PHE A 92 27.53 -19.40 9.12
C PHE A 92 26.24 -19.81 8.42
N LEU A 93 26.27 -20.93 7.71
CA LEU A 93 25.07 -21.38 7.02
C LEU A 93 23.97 -21.69 8.02
N ALA A 94 24.38 -22.19 9.21
CA ALA A 94 23.40 -22.50 10.28
C ALA A 94 22.69 -21.24 10.80
N GLU A 95 23.47 -20.24 11.15
CA GLU A 95 22.88 -18.95 11.48
C GLU A 95 22.06 -18.32 10.37
N PHE A 96 22.49 -18.45 9.12
CA PHE A 96 21.71 -17.83 8.08
C PHE A 96 20.35 -18.48 7.97
N ASP A 97 20.29 -19.80 8.12
CA ASP A 97 19.00 -20.47 8.15
C ASP A 97 18.12 -19.89 9.23
N ALA A 98 18.68 -19.73 10.46
CA ALA A 98 17.86 -19.14 11.54
C ALA A 98 17.38 -17.73 11.19
N LEU A 99 18.30 -16.90 10.69
CA LEU A 99 17.97 -15.52 10.34
C LEU A 99 16.87 -15.46 9.29
N ILE A 100 16.97 -16.32 8.28
CA ILE A 100 15.98 -16.36 7.22
C ILE A 100 14.61 -16.75 7.76
N ASP A 101 14.57 -17.75 8.64
CA ASP A 101 13.27 -18.13 9.22
C ASP A 101 12.63 -16.93 9.92
N GLN A 102 13.43 -16.21 10.70
CA GLN A 102 12.90 -15.04 11.39
C GLN A 102 12.41 -13.98 10.40
N ALA A 103 13.20 -13.71 9.36
CA ALA A 103 12.85 -12.63 8.44
C ALA A 103 11.56 -12.93 7.68
N PHE A 104 11.38 -14.16 7.23
CA PHE A 104 10.17 -14.46 6.51
C PHE A 104 8.98 -14.64 7.43
N ALA A 105 9.22 -14.96 8.71
CA ALA A 105 8.12 -14.93 9.65
C ALA A 105 7.62 -13.50 9.84
N ARG A 106 8.53 -12.52 9.81
CA ARG A 106 8.07 -11.14 9.88
CA ARG A 106 8.07 -11.14 9.87
C ARG A 106 7.35 -10.72 8.59
N LEU A 107 7.85 -11.15 7.43
CA LEU A 107 7.18 -10.73 6.19
C LEU A 107 5.75 -11.27 6.07
N LYS A 108 5.44 -12.39 6.71
CA LYS A 108 4.14 -13.03 6.57
C LYS A 108 3.78 -13.28 5.11
N ALA A 109 4.81 -13.55 4.31
CA ALA A 109 4.64 -13.96 2.93
C ALA A 109 5.66 -15.04 2.61
N ASP A 110 5.24 -16.07 1.89
CA ASP A 110 6.14 -17.17 1.57
C ASP A 110 7.07 -16.80 0.43
N SER A 111 6.59 -16.01 -0.53
CA SER A 111 7.41 -15.67 -1.67
C SER A 111 6.98 -14.32 -2.23
N LEU A 112 7.96 -13.56 -2.71
CA LEU A 112 7.74 -12.30 -3.39
C LEU A 112 8.52 -12.35 -4.69
N THR A 113 8.11 -11.52 -5.65
CA THR A 113 8.86 -11.38 -6.89
C THR A 113 9.31 -9.92 -7.02
N LEU A 114 10.57 -9.72 -7.38
CA LEU A 114 11.12 -8.39 -7.57
C LEU A 114 11.54 -8.26 -9.02
N LYS A 115 11.02 -7.25 -9.71
CA LYS A 115 11.45 -7.02 -11.09
C LYS A 115 12.14 -5.67 -11.18
N ILE A 116 13.32 -5.66 -11.79
CA ILE A 116 14.08 -4.43 -12.04
C ILE A 116 14.10 -4.17 -13.54
N HIS A 117 13.60 -3.01 -13.96
CA HIS A 117 13.52 -2.62 -15.37
C HIS A 117 14.60 -1.57 -15.64
N LEU A 118 15.56 -1.90 -16.49
CA LEU A 118 16.66 -1.04 -16.87
C LEU A 118 16.44 -0.54 -18.30
N SER A 119 16.40 0.78 -18.47
CA SER A 119 16.26 1.42 -19.78
C SER A 119 17.23 2.59 -19.89
N GLN A 120 17.09 3.36 -20.98
CA GLN A 120 18.11 4.33 -21.37
C GLN A 120 18.41 5.31 -20.23
N GLY A 121 17.36 5.90 -19.66
CA GLY A 121 17.56 6.85 -18.58
C GLY A 121 17.53 6.19 -17.22
N LYS A 122 16.63 6.64 -16.34
CA LYS A 122 16.47 5.98 -15.05
C LYS A 122 15.58 4.75 -15.21
N GLY A 123 15.98 3.67 -14.55
CA GLY A 123 15.19 2.48 -14.47
C GLY A 123 14.21 2.54 -13.31
N SER A 124 13.62 1.40 -13.01
CA SER A 124 12.64 1.33 -11.95
C SER A 124 12.67 -0.07 -11.37
N TYR A 125 12.04 -0.22 -10.22
CA TYR A 125 11.84 -1.52 -9.63
C TYR A 125 10.36 -1.66 -9.34
N GLU A 126 9.92 -2.90 -9.21
CA GLU A 126 8.54 -3.25 -8.95
C GLU A 126 8.51 -4.46 -8.04
N ILE A 127 7.81 -4.35 -6.90
CA ILE A 127 7.62 -5.49 -6.02
C ILE A 127 6.29 -6.09 -6.38
N ILE A 128 6.28 -7.36 -6.75
CA ILE A 128 5.07 -8.10 -7.01
C ILE A 128 4.80 -8.95 -5.78
N PHE A 129 3.77 -8.56 -5.03
CA PHE A 129 3.40 -9.18 -3.77
C PHE A 129 2.52 -10.42 -3.99
N PRO A 130 2.62 -11.42 -3.13
CA PRO A 130 1.69 -12.57 -3.20
C PRO A 130 0.28 -12.15 -2.84
N PRO A 131 -0.72 -12.96 -3.19
CA PRO A 131 -2.13 -12.55 -2.94
C PRO A 131 -2.43 -12.21 -1.48
N GLU A 132 -1.83 -12.91 -0.51
CA GLU A 132 -2.13 -12.56 0.88
C GLU A 132 -1.63 -11.16 1.23
N VAL A 133 -0.56 -10.68 0.60
CA VAL A 133 -0.15 -9.31 0.90
C VAL A 133 -0.90 -8.31 0.01
N GLN A 134 -1.24 -8.68 -1.22
CA GLN A 134 -2.02 -7.75 -2.04
C GLN A 134 -3.34 -7.38 -1.37
N ALA A 135 -3.92 -8.30 -0.58
CA ALA A 135 -5.15 -8.01 0.14
C ALA A 135 -4.89 -7.23 1.42
N ASP A 136 -3.63 -6.88 1.71
CA ASP A 136 -3.24 -6.22 2.96
C ASP A 136 -2.41 -4.98 2.70
N PRO A 137 -3.05 -3.86 2.33
CA PRO A 137 -2.29 -2.66 1.93
C PRO A 137 -1.32 -2.20 3.00
N GLU A 138 -1.66 -2.39 4.27
CA GLU A 138 -0.79 -1.97 5.36
C GLU A 138 0.52 -2.74 5.35
N ARG A 139 0.45 -4.06 5.16
CA ARG A 139 1.66 -4.86 5.10
C ARG A 139 2.47 -4.54 3.85
N ALA A 140 1.79 -4.40 2.71
CA ALA A 140 2.49 -4.03 1.48
C ALA A 140 3.26 -2.74 1.67
N ALA A 141 2.66 -1.76 2.36
CA ALA A 141 3.39 -0.51 2.59
C ALA A 141 4.56 -0.72 3.53
N ALA A 142 4.37 -1.53 4.59
CA ALA A 142 5.48 -1.74 5.52
C ALA A 142 6.66 -2.39 4.79
N ILE A 143 6.38 -3.39 3.95
CA ILE A 143 7.46 -4.09 3.24
C ILE A 143 8.14 -3.16 2.24
N GLU A 144 7.36 -2.41 1.46
CA GLU A 144 7.99 -1.47 0.52
C GLU A 144 8.89 -0.47 1.24
N ALA A 145 8.40 0.09 2.36
CA ALA A 145 9.19 1.10 3.06
C ALA A 145 10.49 0.53 3.61
N LEU A 146 10.43 -0.71 4.11
CA LEU A 146 11.65 -1.36 4.58
C LEU A 146 12.62 -1.68 3.45
N TRP A 147 12.12 -2.18 2.32
CA TRP A 147 13.00 -2.62 1.24
C TRP A 147 13.58 -1.46 0.43
N LYS A 148 12.91 -0.32 0.40
CA LYS A 148 13.27 0.69 -0.58
C LYS A 148 14.73 1.15 -0.50
N PRO A 149 15.34 1.42 0.65
CA PRO A 149 16.75 1.91 0.62
C PRO A 149 17.70 0.93 -0.06
N THR A 150 17.56 -0.36 0.27
CA THR A 150 18.35 -1.40 -0.36
C THR A 150 18.05 -1.51 -1.85
N LEU A 151 16.77 -1.48 -2.20
CA LEU A 151 16.38 -1.60 -3.61
C LEU A 151 16.89 -0.43 -4.43
N ASP A 152 16.86 0.78 -3.87
CA ASP A 152 17.41 1.92 -4.61
C ASP A 152 18.90 1.71 -4.85
N GLN A 153 19.61 1.19 -3.86
CA GLN A 153 21.02 0.89 -4.08
C GLN A 153 21.21 -0.20 -5.13
N LEU A 154 20.39 -1.25 -5.09
CA LEU A 154 20.49 -2.33 -6.06
C LEU A 154 20.23 -1.81 -7.47
N LEU A 155 19.23 -0.94 -7.61
CA LEU A 155 18.94 -0.32 -8.90
C LEU A 155 20.14 0.52 -9.38
N ALA A 156 20.78 1.28 -8.48
CA ALA A 156 21.94 2.08 -8.90
C ALA A 156 23.07 1.19 -9.42
N VAL A 157 23.38 0.12 -8.69
CA VAL A 157 24.42 -0.81 -9.15
C VAL A 157 24.08 -1.37 -10.53
N LEU A 158 22.85 -1.85 -10.68
CA LEU A 158 22.47 -2.51 -11.94
C LEU A 158 22.47 -1.51 -13.11
N GLN A 159 22.01 -0.27 -12.88
CA GLN A 159 22.06 0.69 -13.97
C GLN A 159 23.49 1.01 -14.36
N GLU A 160 24.39 1.08 -13.36
CA GLU A 160 25.80 1.30 -13.68
C GLU A 160 26.35 0.21 -14.57
N LYS A 161 26.06 -1.04 -14.25
CA LYS A 161 26.57 -2.14 -15.07
CA LYS A 161 26.54 -2.18 -15.03
C LYS A 161 25.79 -2.34 -16.36
N HIS A 162 24.88 -1.41 -16.71
N HIS A 162 24.89 -1.41 -16.71
CA HIS A 162 24.00 -1.59 -17.85
CA HIS A 162 24.07 -1.61 -17.90
C HIS A 162 24.07 -0.44 -18.87
C HIS A 162 23.96 -0.36 -18.76
N LYS A 163 24.92 0.56 -18.65
CA LYS A 163 24.93 1.75 -19.50
C LYS A 163 25.09 1.39 -20.97
N GLY A 164 24.28 2.00 -21.82
CA GLY A 164 24.34 1.77 -23.26
C GLY A 164 23.73 0.48 -23.76
N LYS A 165 22.93 -0.23 -22.96
CA LYS A 165 22.38 -1.50 -23.40
C LYS A 165 20.88 -1.44 -23.60
N PRO A 166 20.32 -2.31 -24.45
CA PRO A 166 18.88 -2.29 -24.70
C PRO A 166 18.09 -2.57 -23.42
N ALA A 167 16.80 -2.24 -23.47
CA ALA A 167 15.91 -2.45 -22.34
C ALA A 167 16.02 -3.88 -21.81
N THR A 168 16.27 -4.00 -20.50
N THR A 168 16.22 -3.98 -20.49
CA THR A 168 16.42 -5.30 -19.87
CA THR A 168 16.48 -5.25 -19.81
C THR A 168 15.60 -5.35 -18.61
C THR A 168 15.62 -5.35 -18.56
N THR A 169 15.15 -6.55 -18.26
CA THR A 169 14.37 -6.78 -17.05
C THR A 169 15.01 -7.92 -16.30
N VAL A 170 15.31 -7.70 -15.03
CA VAL A 170 15.86 -8.73 -14.15
C VAL A 170 14.74 -9.13 -13.20
N THR A 171 14.48 -10.43 -13.09
CA THR A 171 13.43 -10.95 -12.22
C THR A 171 14.06 -11.77 -11.10
N TYR A 172 13.78 -11.39 -9.85
CA TYR A 172 14.26 -12.09 -8.67
C TYR A 172 13.07 -12.80 -8.02
N GLU A 173 13.20 -14.10 -7.84
CA GLU A 173 12.27 -14.83 -7.00
C GLU A 173 12.83 -14.83 -5.58
N ILE A 174 12.07 -14.30 -4.63
CA ILE A 174 12.56 -14.07 -3.28
C ILE A 174 11.75 -14.93 -2.33
N SER A 175 12.40 -15.93 -1.75
CA SER A 175 11.77 -16.79 -0.76
C SER A 175 12.88 -17.34 0.11
N ALA A 176 12.50 -17.95 1.23
CA ALA A 176 13.50 -18.58 2.08
C ALA A 176 14.35 -19.54 1.28
N GLU A 177 13.72 -20.32 0.40
CA GLU A 177 14.43 -21.33 -0.35
C GLU A 177 15.40 -20.72 -1.37
N THR A 178 14.96 -19.70 -2.11
CA THR A 178 15.87 -19.16 -3.12
C THR A 178 17.03 -18.40 -2.48
N LEU A 179 16.77 -17.71 -1.37
CA LEU A 179 17.87 -17.01 -0.68
C LEU A 179 18.84 -18.00 -0.05
N ARG A 180 18.34 -19.09 0.53
CA ARG A 180 19.24 -20.12 1.02
C ARG A 180 20.05 -20.71 -0.12
N ALA A 181 19.41 -21.00 -1.25
CA ALA A 181 20.14 -21.58 -2.37
C ALA A 181 21.22 -20.63 -2.87
N ALA A 182 20.91 -19.33 -2.94
CA ALA A 182 21.92 -18.37 -3.37
C ALA A 182 23.09 -18.33 -2.40
N VAL A 183 22.81 -18.31 -1.10
CA VAL A 183 23.93 -18.20 -0.16
C VAL A 183 24.75 -19.49 -0.17
N ALA A 184 24.09 -20.65 -0.30
CA ALA A 184 24.82 -21.91 -0.40
C ALA A 184 25.72 -21.94 -1.64
N ALA A 185 25.20 -21.43 -2.76
CA ALA A 185 26.00 -21.36 -3.98
C ALA A 185 27.20 -20.45 -3.79
N LEU A 186 26.99 -19.30 -3.14
CA LEU A 186 28.11 -18.40 -2.85
C LEU A 186 29.14 -19.09 -1.99
N ALA A 187 28.69 -19.84 -0.99
CA ALA A 187 29.61 -20.51 -0.07
C ALA A 187 30.45 -21.57 -0.78
N ARG A 188 29.82 -22.38 -1.65
CA ARG A 188 30.57 -23.37 -2.40
C ARG A 188 31.61 -22.71 -3.32
N ALA A 189 31.21 -21.65 -4.01
CA ALA A 189 32.16 -20.99 -4.89
C ALA A 189 33.29 -20.37 -4.09
N ALA A 190 32.97 -19.79 -2.92
CA ALA A 190 33.99 -19.15 -2.10
C ALA A 190 34.99 -20.18 -1.59
N GLU A 191 34.51 -21.36 -1.22
CA GLU A 191 35.41 -22.43 -0.83
C GLU A 191 36.34 -22.82 -1.96
N ALA A 192 35.81 -22.98 -3.18
CA ALA A 192 36.69 -23.32 -4.29
C ALA A 192 37.75 -22.24 -4.50
N ALA A 193 37.34 -20.97 -4.41
CA ALA A 193 38.29 -19.88 -4.58
C ALA A 193 39.35 -19.88 -3.49
N LEU A 194 38.93 -20.10 -2.24
CA LEU A 194 39.88 -20.09 -1.13
C LEU A 194 40.88 -21.23 -1.29
N ARG A 195 40.42 -22.40 -1.73
CA ARG A 195 41.32 -23.50 -2.03
C ARG A 195 42.42 -23.07 -2.99
N ARG A 196 42.05 -22.36 -4.05
CA ARG A 196 43.10 -21.89 -4.95
C ARG A 196 44.01 -20.87 -4.28
N LYS A 197 43.48 -20.04 -3.38
CA LYS A 197 44.26 -18.95 -2.83
C LYS A 197 45.28 -19.41 -1.78
N VAL A 198 44.99 -20.47 -1.04
CA VAL A 198 45.93 -20.91 0.00
C VAL A 198 46.93 -21.95 -0.49
N GLY A 199 46.81 -22.43 -1.73
CA GLY A 199 47.83 -23.33 -2.26
C GLY A 199 49.16 -22.62 -2.46
N SER A 200 50.24 -23.40 -2.44
CA SER A 200 51.57 -22.79 -2.44
C SER A 200 51.83 -21.96 -3.70
N LEU A 201 51.23 -22.32 -4.85
CA LEU A 201 51.46 -21.55 -6.06
C LEU A 201 51.10 -20.08 -5.84
N GLU A 202 49.99 -19.83 -5.13
CA GLU A 202 49.58 -18.48 -4.81
C GLU A 202 50.08 -18.02 -3.45
N SER A 203 50.28 -18.97 -2.51
CA SER A 203 50.54 -18.62 -1.11
C SER A 203 52.01 -18.33 -0.85
N SER A 204 52.90 -19.05 -1.54
CA SER A 204 54.34 -18.88 -1.35
C SER A 204 54.86 -17.71 -2.18
N GLY A 205 55.67 -16.85 -1.58
CA GLY A 205 56.13 -15.65 -2.26
C GLY A 205 57.40 -15.85 -3.06
N LEU A 206 57.80 -14.78 -3.76
CA LEU A 206 59.00 -14.82 -4.57
C LEU A 206 60.23 -15.07 -3.71
N GLU A 207 60.30 -14.44 -2.53
CA GLU A 207 61.44 -14.64 -1.65
C GLU A 207 61.67 -16.13 -1.40
N VAL A 208 60.59 -16.87 -1.09
CA VAL A 208 60.70 -18.31 -0.89
C VAL A 208 61.15 -18.98 -2.17
N LEU A 209 60.63 -18.52 -3.30
CA LEU A 209 61.09 -19.01 -4.60
C LEU A 209 62.57 -18.74 -4.82
N PHE A 210 63.12 -17.71 -4.14
CA PHE A 210 64.41 -17.09 -4.44
C PHE A 210 64.35 -16.45 -5.83
N GLN A 211 63.41 -15.53 -5.96
CA GLN A 211 62.86 -15.01 -7.22
C GLN A 211 63.31 -15.77 -8.47
N PRO B 1 17.22 12.71 14.85
CA PRO B 1 16.47 12.46 13.61
C PRO B 1 17.26 12.89 12.36
N ASP B 2 17.23 12.07 11.32
CA ASP B 2 18.02 12.29 10.12
C ASP B 2 17.18 12.95 9.03
N PHE B 3 17.63 14.11 8.55
CA PHE B 3 16.90 14.88 7.55
C PHE B 3 17.58 14.85 6.18
N THR B 4 18.35 13.81 5.92
CA THR B 4 18.97 13.61 4.61
C THR B 4 17.95 12.99 3.67
N GLY B 5 17.91 13.50 2.43
CA GLY B 5 16.91 13.05 1.49
C GLY B 5 15.57 13.70 1.69
N ALA B 6 15.42 14.48 2.77
CA ALA B 6 14.13 15.06 3.13
C ALA B 6 13.55 15.91 2.01
N ARG B 7 14.37 16.69 1.31
CA ARG B 7 13.82 17.51 0.24
C ARG B 7 13.20 16.63 -0.86
N GLU B 8 13.91 15.58 -1.25
CA GLU B 8 13.41 14.67 -2.29
C GLU B 8 12.12 13.99 -1.83
N ARG B 9 12.13 13.48 -0.60
CA ARG B 9 10.95 12.80 -0.06
C ARG B 9 9.77 13.74 0.02
N PHE B 10 10.00 14.96 0.50
CA PHE B 10 8.93 15.95 0.53
C PHE B 10 8.35 16.14 -0.86
N LEU B 11 9.22 16.33 -1.86
CA LEU B 11 8.72 16.53 -3.21
C LEU B 11 7.90 15.33 -3.69
N ALA B 12 8.28 14.12 -3.28
CA ALA B 12 7.52 12.93 -3.64
C ALA B 12 6.19 12.82 -2.91
N GLY B 13 5.95 13.66 -1.89
CA GLY B 13 4.69 13.63 -1.17
C GLY B 13 4.82 13.38 0.34
N ASP B 14 6.04 13.27 0.89
CA ASP B 14 6.22 13.00 2.33
C ASP B 14 6.15 14.32 3.09
N VAL B 15 4.94 14.88 3.16
CA VAL B 15 4.77 16.22 3.74
C VAL B 15 4.86 16.22 5.26
N THR B 16 4.67 15.08 5.92
CA THR B 16 4.70 15.07 7.38
C THR B 16 6.10 15.32 7.91
N ILE B 17 7.11 15.35 7.03
CA ILE B 17 8.44 15.83 7.41
C ILE B 17 8.32 17.16 8.16
N VAL B 18 7.43 18.02 7.69
CA VAL B 18 7.24 19.30 8.36
C VAL B 18 6.86 19.06 9.81
N LEU B 19 5.88 18.21 10.03
CA LEU B 19 5.48 17.88 11.39
C LEU B 19 6.66 17.34 12.17
N LEU B 20 7.42 16.42 11.58
CA LEU B 20 8.53 15.85 12.33
C LEU B 20 9.51 16.94 12.74
N ILE B 21 9.84 17.86 11.82
CA ILE B 21 10.78 18.92 12.19
C ILE B 21 10.22 19.72 13.35
N ALA B 22 8.94 20.11 13.25
CA ALA B 22 8.36 20.93 14.31
C ALA B 22 8.35 20.17 15.63
N GLU B 23 8.02 18.87 15.60
CA GLU B 23 7.90 18.19 16.88
C GLU B 23 9.26 17.87 17.46
N SER B 24 10.29 17.75 16.62
CA SER B 24 11.60 17.44 17.17
C SER B 24 12.13 18.60 18.01
N HIS B 25 11.68 19.81 17.72
CA HIS B 25 12.03 20.98 18.51
C HIS B 25 10.98 21.34 19.54
N ASP B 26 9.87 20.58 19.59
CA ASP B 26 8.75 20.90 20.46
C ASP B 26 8.29 22.34 20.22
N ALA B 27 8.24 22.74 18.93
CA ALA B 27 7.92 24.10 18.56
C ALA B 27 6.41 24.31 18.53
N PRO B 28 5.96 25.53 18.82
CA PRO B 28 4.53 25.86 18.67
C PRO B 28 4.23 26.28 17.24
N TYR B 29 3.19 25.70 16.65
CA TYR B 29 2.81 26.13 15.30
C TYR B 29 1.31 26.22 15.06
N ARG B 30 0.45 25.60 15.85
CA ARG B 30 -1.00 25.78 15.69
C ARG B 30 -1.43 26.78 16.74
N LEU B 31 -1.24 28.05 16.40
CA LEU B 31 -1.44 29.13 17.37
C LEU B 31 -2.87 29.66 17.31
N ALA B 32 -3.41 29.97 18.49
CA ALA B 32 -4.76 30.53 18.55
C ALA B 32 -4.83 31.86 17.83
N ASN B 33 -3.92 32.78 18.14
CA ASN B 33 -3.78 34.06 17.46
C ASN B 33 -2.40 34.08 16.81
N PRO B 34 -2.27 33.51 15.61
CA PRO B 34 -0.94 33.37 14.99
C PRO B 34 -0.41 34.66 14.40
N GLU B 35 -0.93 35.81 14.82
CA GLU B 35 -0.47 37.09 14.31
C GLU B 35 0.46 37.84 15.27
N ASP B 36 0.25 37.71 16.58
CA ASP B 36 1.14 38.33 17.58
C ASP B 36 1.79 37.24 18.43
N PRO B 37 2.95 36.71 18.01
CA PRO B 37 3.58 35.62 18.78
C PRO B 37 4.14 36.09 20.10
N GLU B 38 4.66 37.34 20.14
CA GLU B 38 5.32 37.88 21.31
C GLU B 38 4.55 37.59 22.59
N ALA B 39 3.24 37.92 22.54
CA ALA B 39 2.22 37.99 23.59
C ALA B 39 1.54 36.67 24.01
N ASP B 40 1.66 35.65 23.19
CA ASP B 40 1.07 34.36 23.49
C ASP B 40 2.11 33.29 23.79
N LEU B 41 3.39 33.54 23.49
CA LEU B 41 4.43 32.54 23.62
C LEU B 41 5.48 33.02 24.59
N SER B 42 6.02 32.09 25.37
CA SER B 42 7.13 32.38 26.25
C SER B 42 8.39 32.57 25.44
N ASP B 43 9.47 32.97 26.12
CA ASP B 43 10.74 33.16 25.43
C ASP B 43 11.28 31.84 24.87
N GLU B 44 11.17 30.76 25.64
CA GLU B 44 11.64 29.46 25.18
C GLU B 44 10.78 28.93 24.05
N GLN B 45 9.48 29.18 24.09
CA GLN B 45 8.65 28.75 22.98
C GLN B 45 9.03 29.48 21.69
N LEU B 46 9.22 30.80 21.78
CA LEU B 46 9.68 31.55 20.61
C LEU B 46 11.02 31.00 20.13
N GLU B 47 11.88 30.72 21.09
CA GLU B 47 13.24 30.23 20.90
C GLU B 47 13.21 28.93 20.05
N ARG B 48 12.31 28.02 20.42
CA ARG B 48 12.12 26.74 19.75
C ARG B 48 11.43 26.90 18.38
N ALA B 49 10.47 27.82 18.26
CA ALA B 49 9.89 28.11 16.94
C ALA B 49 10.96 28.56 15.96
N LEU B 50 11.87 29.42 16.42
CA LEU B 50 12.97 29.87 15.57
C LEU B 50 13.83 28.70 15.13
N ALA B 51 14.17 27.82 16.09
CA ALA B 51 15.04 26.68 15.75
C ALA B 51 14.36 25.73 14.75
N ALA B 52 13.07 25.47 14.94
CA ALA B 52 12.33 24.62 13.99
C ALA B 52 12.26 25.27 12.62
N TYR B 53 12.00 26.57 12.58
CA TYR B 53 11.95 27.28 11.31
C TYR B 53 13.27 27.19 10.57
N LEU B 54 14.38 27.42 11.28
CA LEU B 54 15.69 27.37 10.60
C LEU B 54 15.97 25.96 10.09
N THR B 55 15.62 24.93 10.86
CA THR B 55 15.80 23.57 10.37
C THR B 55 15.00 23.35 9.09
N LEU B 56 13.76 23.81 9.08
CA LEU B 56 12.90 23.64 7.91
C LEU B 56 13.48 24.34 6.68
N VAL B 57 13.94 25.58 6.85
CA VAL B 57 14.46 26.30 5.69
C VAL B 57 15.73 25.63 5.18
N GLU B 58 16.62 25.22 6.09
CA GLU B 58 17.86 24.59 5.66
C GLU B 58 17.61 23.24 4.98
N THR B 59 16.64 22.48 5.50
CA THR B 59 16.36 21.14 4.97
C THR B 59 15.70 21.23 3.61
N LEU B 60 14.74 22.12 3.45
CA LEU B 60 13.99 22.17 2.20
C LEU B 60 14.59 23.10 1.14
N PHE B 61 15.47 24.03 1.54
CA PHE B 61 15.99 25.06 0.62
C PHE B 61 17.45 25.41 1.01
N PRO B 62 18.34 24.43 0.91
CA PRO B 62 19.69 24.68 1.48
C PRO B 62 20.42 25.86 0.84
N GLU B 63 20.20 26.15 -0.45
N GLU B 63 20.19 26.11 -0.45
CA GLU B 63 20.89 27.26 -1.08
CA GLU B 63 20.82 27.23 -1.16
C GLU B 63 20.35 28.60 -0.59
C GLU B 63 20.34 28.56 -0.61
N LEU B 64 19.03 28.73 -0.51
CA LEU B 64 18.45 29.95 0.02
C LEU B 64 18.92 30.19 1.44
N TYR B 65 18.99 29.14 2.24
CA TYR B 65 19.46 29.25 3.61
C TYR B 65 20.92 29.69 3.68
N ALA B 66 21.77 29.12 2.83
CA ALA B 66 23.16 29.58 2.85
C ALA B 66 23.22 31.06 2.48
N GLU B 67 22.47 31.45 1.47
CA GLU B 67 22.44 32.86 1.09
C GLU B 67 21.96 33.71 2.25
N MET B 68 20.90 33.28 2.93
CA MET B 68 20.33 34.09 3.99
C MET B 68 21.32 34.24 5.14
N LYS B 69 22.01 33.16 5.48
CA LYS B 69 23.03 33.21 6.53
C LYS B 69 24.14 34.18 6.17
N ALA B 70 24.64 34.12 4.92
CA ALA B 70 25.68 35.06 4.52
C ALA B 70 25.17 36.50 4.58
N ALA B 71 23.96 36.72 4.07
CA ALA B 71 23.40 38.07 4.04
C ALA B 71 23.23 38.61 5.46
N LEU B 72 22.77 37.77 6.39
CA LEU B 72 22.64 38.21 7.77
C LEU B 72 24.00 38.55 8.36
N ALA B 73 25.02 37.75 8.06
CA ALA B 73 26.36 38.06 8.58
C ALA B 73 26.84 39.40 8.05
N ALA B 74 26.46 39.75 6.82
CA ALA B 74 26.88 41.03 6.25
C ALA B 74 26.14 42.23 6.87
N ALA B 75 24.90 42.05 7.32
CA ALA B 75 24.14 43.15 7.88
C ALA B 75 24.75 43.65 9.20
N LYS B 76 24.89 44.97 9.32
CA LYS B 76 25.60 45.52 10.47
C LYS B 76 24.68 45.88 11.62
N THR B 77 23.46 46.31 11.34
CA THR B 77 22.56 46.80 12.36
C THR B 77 21.43 45.83 12.65
N PRO B 78 20.78 45.95 13.81
CA PRO B 78 19.57 45.15 14.07
C PRO B 78 18.51 45.33 13.01
N GLU B 79 18.28 46.57 12.60
CA GLU B 79 17.20 46.85 11.64
C GLU B 79 17.48 46.20 10.30
N GLU B 80 18.74 46.24 9.86
CA GLU B 80 19.10 45.58 8.60
C GLU B 80 18.99 44.06 8.71
N LYS B 81 19.35 43.49 9.87
CA LYS B 81 19.20 42.05 10.05
C LYS B 81 17.75 41.63 9.98
N ILE B 82 16.86 42.41 10.59
CA ILE B 82 15.43 42.10 10.51
C ILE B 82 14.91 42.22 9.09
N ALA B 83 15.31 43.29 8.38
CA ALA B 83 14.81 43.46 7.00
C ALA B 83 15.32 42.35 6.10
N VAL B 84 16.59 41.97 6.25
CA VAL B 84 17.12 40.85 5.49
C VAL B 84 16.33 39.58 5.81
N PHE B 85 16.02 39.38 7.10
CA PHE B 85 15.25 38.19 7.47
C PHE B 85 13.90 38.21 6.79
N ARG B 86 13.23 39.36 6.79
CA ARG B 86 11.90 39.44 6.18
CA ARG B 86 11.89 39.41 6.19
C ARG B 86 11.96 39.15 4.69
N GLU B 87 13.02 39.61 4.03
CA GLU B 87 13.16 39.38 2.59
C GLU B 87 13.34 37.90 2.30
N TYR B 88 14.26 37.26 3.02
CA TYR B 88 14.49 35.84 2.75
C TYR B 88 13.29 35.02 3.17
N ASN B 89 12.57 35.46 4.19
CA ASN B 89 11.37 34.76 4.63
C ASN B 89 10.27 34.85 3.60
N ALA B 90 10.07 36.02 2.98
CA ALA B 90 9.09 36.08 1.91
C ALA B 90 9.47 35.13 0.78
N ARG B 91 10.76 35.10 0.44
CA ARG B 91 11.20 34.17 -0.59
C ARG B 91 10.86 32.74 -0.20
N PHE B 92 11.17 32.37 1.05
CA PHE B 92 10.99 30.99 1.49
C PHE B 92 9.51 30.61 1.49
N LEU B 93 8.64 31.51 1.94
CA LEU B 93 7.21 31.20 1.94
C LEU B 93 6.67 31.04 0.52
N ALA B 94 7.15 31.85 -0.43
CA ALA B 94 6.72 31.68 -1.81
C ALA B 94 7.18 30.33 -2.39
N GLU B 95 8.46 30.02 -2.18
CA GLU B 95 9.00 28.74 -2.65
C GLU B 95 8.27 27.56 -2.00
N PHE B 96 7.92 27.69 -0.72
CA PHE B 96 7.23 26.61 -0.03
C PHE B 96 5.84 26.43 -0.58
N ASP B 97 5.16 27.52 -0.95
CA ASP B 97 3.89 27.36 -1.65
C ASP B 97 4.05 26.49 -2.90
N ALA B 98 5.08 26.78 -3.71
CA ALA B 98 5.30 25.96 -4.91
C ALA B 98 5.57 24.51 -4.55
N LEU B 99 6.46 24.30 -3.58
CA LEU B 99 6.84 22.95 -3.18
C LEU B 99 5.64 22.16 -2.67
N ILE B 100 4.77 22.82 -1.90
CA ILE B 100 3.60 22.13 -1.40
CA ILE B 100 3.54 22.20 -1.40
C ILE B 100 2.66 21.75 -2.58
N ASP B 101 2.54 22.63 -3.55
CA ASP B 101 1.72 22.28 -4.71
C ASP B 101 2.25 21.02 -5.38
N GLN B 102 3.55 20.97 -5.60
CA GLN B 102 4.12 19.78 -6.21
C GLN B 102 3.85 18.54 -5.36
N ALA B 103 4.07 18.64 -4.04
CA ALA B 103 4.00 17.46 -3.18
C ALA B 103 2.60 16.86 -3.16
N PHE B 104 1.60 17.72 -3.04
CA PHE B 104 0.23 17.21 -3.01
C PHE B 104 -0.27 16.81 -4.38
N ALA B 105 0.34 17.32 -5.45
CA ALA B 105 0.05 16.76 -6.76
C ALA B 105 0.63 15.36 -6.90
N ARG B 106 1.81 15.11 -6.32
CA ARG B 106 2.37 13.77 -6.39
CA ARG B 106 2.38 13.77 -6.39
C ARG B 106 1.69 12.79 -5.44
N LEU B 107 1.04 13.28 -4.39
CA LEU B 107 0.21 12.43 -3.52
C LEU B 107 -1.16 12.14 -4.14
N LYS B 108 -1.68 13.09 -4.92
CA LYS B 108 -3.05 13.14 -5.44
C LYS B 108 -4.10 12.69 -4.43
N ALA B 109 -3.95 13.24 -3.22
CA ALA B 109 -4.98 13.30 -2.22
C ALA B 109 -4.98 14.73 -1.69
N ASP B 110 -6.17 15.33 -1.53
CA ASP B 110 -6.21 16.72 -1.08
C ASP B 110 -6.07 16.86 0.43
N SER B 111 -6.60 15.93 1.19
CA SER B 111 -6.55 16.06 2.63
C SER B 111 -6.59 14.69 3.26
N LEU B 112 -5.80 14.52 4.30
CA LEU B 112 -5.72 13.28 5.04
C LEU B 112 -5.79 13.64 6.51
N THR B 113 -6.14 12.67 7.35
CA THR B 113 -6.08 12.87 8.79
C THR B 113 -5.06 11.89 9.35
N LEU B 114 -4.16 12.37 10.20
CA LEU B 114 -3.18 11.51 10.83
C LEU B 114 -3.41 11.51 12.34
N LYS B 115 -3.58 10.34 12.92
CA LYS B 115 -3.81 10.23 14.36
C LYS B 115 -2.65 9.48 14.98
N ILE B 116 -2.11 10.02 16.06
CA ILE B 116 -1.06 9.37 16.80
C ILE B 116 -1.61 9.02 18.18
N HIS B 117 -1.55 7.73 18.50
CA HIS B 117 -2.06 7.16 19.74
C HIS B 117 -0.86 6.83 20.63
N LEU B 118 -0.75 7.53 21.76
CA LEU B 118 0.32 7.33 22.73
C LEU B 118 -0.27 6.69 23.97
N SER B 119 0.21 5.50 24.33
CA SER B 119 -0.18 4.92 25.61
C SER B 119 1.08 4.31 26.24
N GLN B 120 0.90 3.66 27.39
CA GLN B 120 2.04 3.32 28.25
C GLN B 120 3.09 2.51 27.51
N GLY B 121 2.67 1.52 26.74
CA GLY B 121 3.63 0.68 26.04
C GLY B 121 4.01 1.21 24.67
N LYS B 122 3.78 0.41 23.64
CA LYS B 122 4.00 0.90 22.28
C LYS B 122 2.79 1.68 21.80
N GLY B 123 3.04 2.84 21.19
CA GLY B 123 1.99 3.60 20.53
C GLY B 123 1.86 3.22 19.06
N SER B 124 0.99 3.96 18.37
CA SER B 124 0.78 3.67 16.96
C SER B 124 0.31 4.91 16.22
N TYR B 125 0.35 4.82 14.90
CA TYR B 125 -0.18 5.90 14.08
C TYR B 125 -1.31 5.33 13.24
N GLU B 126 -2.15 6.20 12.74
CA GLU B 126 -3.28 5.77 11.95
C GLU B 126 -3.49 6.83 10.88
N ILE B 127 -3.48 6.45 9.62
CA ILE B 127 -3.79 7.36 8.53
C ILE B 127 -5.25 7.15 8.14
N ILE B 128 -6.02 8.23 8.17
CA ILE B 128 -7.40 8.23 7.70
C ILE B 128 -7.37 8.89 6.33
N PHE B 129 -7.54 8.09 5.28
CA PHE B 129 -7.47 8.49 3.90
C PHE B 129 -8.80 9.08 3.46
N PRO B 130 -8.80 10.02 2.52
CA PRO B 130 -10.07 10.53 1.97
C PRO B 130 -10.80 9.44 1.20
N PRO B 131 -12.10 9.61 0.90
CA PRO B 131 -12.85 8.51 0.24
C PRO B 131 -12.27 8.07 -1.09
N GLU B 132 -11.69 8.96 -1.90
CA GLU B 132 -11.16 8.54 -3.18
C GLU B 132 -9.95 7.62 -3.04
N VAL B 133 -9.16 7.77 -1.97
CA VAL B 133 -8.03 6.88 -1.74
C VAL B 133 -8.48 5.59 -1.03
N GLN B 134 -9.48 5.64 -0.16
CA GLN B 134 -10.00 4.41 0.41
C GLN B 134 -10.51 3.47 -0.68
N ALA B 135 -10.97 4.01 -1.81
CA ALA B 135 -11.36 3.21 -2.96
C ALA B 135 -10.18 2.75 -3.82
N ASP B 136 -8.95 3.11 -3.44
CA ASP B 136 -7.75 2.82 -4.23
C ASP B 136 -6.66 2.17 -3.35
N PRO B 137 -6.79 0.86 -3.06
CA PRO B 137 -5.83 0.23 -2.13
C PRO B 137 -4.37 0.39 -2.54
N GLU B 138 -4.08 0.43 -3.84
CA GLU B 138 -2.71 0.62 -4.27
C GLU B 138 -2.19 2.00 -3.89
N ARG B 139 -3.04 3.03 -4.03
CA ARG B 139 -2.65 4.36 -3.60
C ARG B 139 -2.43 4.43 -2.10
N ALA B 140 -3.32 3.80 -1.33
CA ALA B 140 -3.16 3.81 0.13
C ALA B 140 -1.84 3.18 0.53
N ALA B 141 -1.49 2.06 -0.11
CA ALA B 141 -0.22 1.41 0.17
C ALA B 141 0.96 2.30 -0.21
N ALA B 142 0.89 2.97 -1.37
CA ALA B 142 1.98 3.84 -1.78
C ALA B 142 2.16 5.03 -0.83
N ILE B 143 1.06 5.64 -0.40
CA ILE B 143 1.15 6.80 0.49
C ILE B 143 1.73 6.40 1.83
N GLU B 144 1.21 5.31 2.41
CA GLU B 144 1.75 4.82 3.67
C GLU B 144 3.23 4.46 3.52
N ALA B 145 3.61 3.83 2.40
CA ALA B 145 5.01 3.41 2.24
C ALA B 145 5.95 4.61 2.19
N LEU B 146 5.51 5.68 1.54
CA LEU B 146 6.29 6.92 1.53
C LEU B 146 6.32 7.56 2.92
N TRP B 147 5.18 7.60 3.63
CA TRP B 147 5.13 8.33 4.89
C TRP B 147 5.75 7.57 6.06
N LYS B 148 5.77 6.24 5.99
CA LYS B 148 6.05 5.43 7.17
C LYS B 148 7.38 5.72 7.86
N PRO B 149 8.52 5.86 7.16
CA PRO B 149 9.78 6.14 7.89
C PRO B 149 9.69 7.41 8.72
N THR B 150 9.11 8.45 8.14
CA THR B 150 8.91 9.70 8.86
C THR B 150 7.95 9.52 10.03
N LEU B 151 6.85 8.79 9.80
CA LEU B 151 5.85 8.61 10.86
C LEU B 151 6.41 7.81 12.03
N ASP B 152 7.28 6.82 11.75
CA ASP B 152 7.92 6.09 12.83
C ASP B 152 8.81 7.00 13.66
N GLN B 153 9.55 7.90 12.98
CA GLN B 153 10.35 8.83 13.78
C GLN B 153 9.44 9.74 14.63
N LEU B 154 8.37 10.24 14.03
CA LEU B 154 7.48 11.16 14.74
C LEU B 154 6.86 10.48 15.96
N LEU B 155 6.45 9.22 15.79
CA LEU B 155 5.92 8.46 16.90
C LEU B 155 6.97 8.32 18.00
N ALA B 156 8.23 8.02 17.64
CA ALA B 156 9.27 7.93 18.65
C ALA B 156 9.45 9.24 19.42
N VAL B 157 9.43 10.37 18.72
CA VAL B 157 9.57 11.70 19.37
C VAL B 157 8.43 11.97 20.35
N LEU B 158 7.18 11.79 19.89
CA LEU B 158 6.02 12.01 20.77
C LEU B 158 6.03 11.00 21.92
N GLN B 159 6.48 9.79 21.63
CA GLN B 159 6.62 8.72 22.60
C GLN B 159 7.57 9.16 23.69
N GLU B 160 8.61 9.90 23.34
CA GLU B 160 9.46 10.49 24.38
C GLU B 160 8.73 11.58 25.18
N LYS B 161 8.00 12.44 24.48
CA LYS B 161 7.39 13.58 25.16
CA LYS B 161 7.33 13.59 25.10
C LYS B 161 6.19 13.22 26.03
N HIS B 162 5.71 11.97 26.02
CA HIS B 162 4.49 11.54 26.71
CA HIS B 162 4.53 11.62 26.81
C HIS B 162 4.77 10.43 27.73
N LYS B 163 6.03 10.11 28.02
CA LYS B 163 6.34 9.05 28.98
C LYS B 163 5.68 9.31 30.33
N GLY B 164 5.09 8.26 30.90
CA GLY B 164 4.42 8.33 32.19
C GLY B 164 3.06 8.97 32.20
N LYS B 165 2.46 9.18 31.04
CA LYS B 165 1.21 9.90 30.92
C LYS B 165 0.07 9.00 30.48
N PRO B 166 -1.17 9.39 30.81
CA PRO B 166 -2.34 8.62 30.35
C PRO B 166 -2.45 8.64 28.83
N ALA B 167 -3.26 7.72 28.31
CA ALA B 167 -3.53 7.60 26.88
C ALA B 167 -3.91 8.93 26.26
N THR B 168 -3.14 9.39 25.29
CA THR B 168 -3.50 10.58 24.56
C THR B 168 -3.44 10.33 23.06
N THR B 169 -4.26 11.07 22.34
CA THR B 169 -4.33 10.99 20.89
C THR B 169 -4.13 12.38 20.33
N VAL B 170 -3.22 12.49 19.36
CA VAL B 170 -2.91 13.73 18.67
C VAL B 170 -3.45 13.61 17.26
N THR B 171 -4.25 14.57 16.82
CA THR B 171 -4.85 14.55 15.49
C THR B 171 -4.26 15.67 14.62
N TYR B 172 -3.70 15.30 13.48
CA TYR B 172 -3.17 16.25 12.50
C TYR B 172 -4.05 16.23 11.26
N GLU B 173 -4.60 17.38 10.87
CA GLU B 173 -5.22 17.54 9.56
C GLU B 173 -4.12 17.91 8.55
N ILE B 174 -4.00 17.11 7.48
CA ILE B 174 -2.91 17.26 6.53
C ILE B 174 -3.49 17.67 5.18
N SER B 175 -3.20 18.91 4.78
CA SER B 175 -3.58 19.44 3.48
C SER B 175 -2.61 20.57 3.16
N ALA B 176 -2.62 20.99 1.90
CA ALA B 176 -1.78 22.12 1.52
C ALA B 176 -2.06 23.33 2.40
N GLU B 177 -3.34 23.54 2.73
CA GLU B 177 -3.74 24.72 3.51
C GLU B 177 -3.23 24.65 4.96
N THR B 178 -3.39 23.49 5.63
CA THR B 178 -2.93 23.44 7.03
C THR B 178 -1.42 23.47 7.13
N LEU B 179 -0.71 22.86 6.18
CA LEU B 179 0.75 22.90 6.22
C LEU B 179 1.27 24.31 5.92
N ARG B 180 0.64 24.99 4.98
CA ARG B 180 0.96 26.39 4.72
C ARG B 180 0.73 27.24 5.97
N ALA B 181 -0.39 27.04 6.67
CA ALA B 181 -0.67 27.79 7.88
C ALA B 181 0.35 27.48 8.98
N ALA B 182 0.70 26.21 9.15
CA ALA B 182 1.69 25.85 10.15
C ALA B 182 3.02 26.52 9.87
N VAL B 183 3.47 26.50 8.61
CA VAL B 183 4.76 27.10 8.29
C VAL B 183 4.70 28.62 8.41
N ALA B 184 3.57 29.23 8.05
CA ALA B 184 3.39 30.68 8.25
C ALA B 184 3.47 31.03 9.74
N ALA B 185 2.84 30.23 10.60
CA ALA B 185 2.93 30.48 12.03
C ALA B 185 4.36 30.35 12.52
N LEU B 186 5.06 29.33 12.03
CA LEU B 186 6.45 29.16 12.42
C LEU B 186 7.28 30.38 11.99
N ALA B 187 7.01 30.90 10.79
CA ALA B 187 7.76 32.05 10.31
C ALA B 187 7.51 33.29 11.16
N ARG B 188 6.25 33.52 11.54
CA ARG B 188 5.92 34.69 12.35
C ARG B 188 6.56 34.61 13.73
N ALA B 189 6.50 33.43 14.37
CA ALA B 189 7.18 33.28 15.66
C ALA B 189 8.70 33.42 15.49
N ALA B 190 9.26 32.90 14.41
CA ALA B 190 10.70 32.99 14.21
C ALA B 190 11.13 34.45 14.03
N GLU B 191 10.33 35.24 13.31
CA GLU B 191 10.63 36.66 13.20
C GLU B 191 10.56 37.35 14.57
N ALA B 192 9.53 37.04 15.37
CA ALA B 192 9.48 37.66 16.70
C ALA B 192 10.71 37.29 17.53
N ALA B 193 11.13 36.02 17.46
CA ALA B 193 12.31 35.59 18.19
C ALA B 193 13.57 36.31 17.71
N LEU B 194 13.71 36.46 16.40
CA LEU B 194 14.91 37.10 15.87
C LEU B 194 14.96 38.57 16.27
N ARG B 195 13.82 39.26 16.23
CA ARG B 195 13.74 40.64 16.70
C ARG B 195 14.21 40.75 18.15
N ARG B 196 13.78 39.83 19.01
CA ARG B 196 14.27 39.88 20.39
C ARG B 196 15.77 39.61 20.44
N LYS B 197 16.29 38.81 19.50
CA LYS B 197 17.72 38.46 19.58
C LYS B 197 18.64 39.59 19.15
N VAL B 198 18.24 40.40 18.17
CA VAL B 198 19.13 41.48 17.76
C VAL B 198 18.88 42.74 18.59
N GLY B 199 17.76 42.81 19.29
CA GLY B 199 17.42 43.86 20.24
C GLY B 199 18.53 44.17 21.22
N SER B 200 18.49 45.39 21.78
CA SER B 200 19.56 45.87 22.65
C SER B 200 19.64 45.07 23.94
N LEU B 201 18.50 44.66 24.48
CA LEU B 201 18.48 43.88 25.72
C LEU B 201 19.38 42.65 25.63
N GLU B 202 19.30 41.91 24.53
CA GLU B 202 20.10 40.68 24.41
C GLU B 202 21.40 40.88 23.66
N SER B 203 21.47 41.83 22.74
CA SER B 203 22.63 41.99 21.87
C SER B 203 23.73 42.88 22.44
N SER B 204 23.45 43.69 23.45
CA SER B 204 24.52 44.39 24.15
C SER B 204 24.96 43.55 25.36
N GLY B 205 26.26 43.33 25.48
CA GLY B 205 26.79 42.42 26.47
C GLY B 205 26.92 43.05 27.84
N LEU B 206 27.36 42.22 28.80
CA LEU B 206 27.56 42.70 30.16
C LEU B 206 28.63 43.78 30.19
N GLU B 207 29.66 43.65 29.36
CA GLU B 207 30.74 44.62 29.34
C GLU B 207 30.25 46.04 29.07
N VAL B 208 29.10 46.20 28.40
CA VAL B 208 28.70 47.54 28.01
C VAL B 208 28.04 48.29 29.15
N LEU B 209 27.43 47.61 30.12
CA LEU B 209 26.95 48.28 31.32
C LEU B 209 27.86 48.05 32.51
N PHE B 210 29.04 47.47 32.28
CA PHE B 210 30.04 47.21 33.31
C PHE B 210 29.45 46.31 34.41
N GLN B 211 28.76 45.27 33.97
CA GLN B 211 28.12 44.28 34.83
C GLN B 211 27.20 44.93 35.85
N PRO C 1 -13.46 -23.61 24.74
CA PRO C 1 -12.43 -23.33 23.75
C PRO C 1 -11.73 -22.00 24.02
N ASP C 2 -10.40 -21.97 23.89
CA ASP C 2 -9.61 -20.77 24.13
C ASP C 2 -9.30 -20.15 22.78
N PHE C 3 -9.68 -18.88 22.59
CA PHE C 3 -9.52 -18.24 21.29
C PHE C 3 -8.29 -17.34 21.25
N THR C 4 -7.31 -17.62 22.09
CA THR C 4 -6.02 -16.95 22.01
C THR C 4 -5.24 -17.63 20.89
N GLY C 5 -4.66 -16.84 20.00
CA GLY C 5 -4.02 -17.38 18.83
C GLY C 5 -4.99 -17.64 17.69
N ALA C 6 -6.29 -17.54 17.93
CA ALA C 6 -7.27 -17.78 16.87
C ALA C 6 -7.07 -16.82 15.71
N ARG C 7 -6.79 -15.54 15.98
CA ARG C 7 -6.63 -14.60 14.87
C ARG C 7 -5.44 -15.00 14.01
N GLU C 8 -4.33 -15.36 14.67
CA GLU C 8 -3.14 -15.81 13.95
C GLU C 8 -3.48 -17.04 13.10
N ARG C 9 -4.18 -18.01 13.71
CA ARG C 9 -4.53 -19.23 12.98
C ARG C 9 -5.43 -18.92 11.79
N PHE C 10 -6.44 -18.07 12.00
CA PHE C 10 -7.34 -17.70 10.91
C PHE C 10 -6.59 -17.10 9.73
N LEU C 11 -5.72 -16.11 10.01
CA LEU C 11 -4.96 -15.48 8.92
C LEU C 11 -4.04 -16.48 8.20
N ALA C 12 -3.59 -17.51 8.90
CA ALA C 12 -2.77 -18.55 8.29
C ALA C 12 -3.54 -19.47 7.36
N GLY C 13 -4.87 -19.40 7.36
CA GLY C 13 -5.69 -20.22 6.49
C GLY C 13 -6.69 -21.10 7.23
N ASP C 14 -6.72 -21.03 8.57
CA ASP C 14 -7.64 -21.82 9.39
C ASP C 14 -8.97 -21.07 9.54
N VAL C 15 -9.74 -21.05 8.44
CA VAL C 15 -10.97 -20.25 8.45
C VAL C 15 -12.07 -20.89 9.27
N THR C 16 -11.97 -22.19 9.57
CA THR C 16 -13.04 -22.81 10.34
C THR C 16 -13.09 -22.29 11.77
N ILE C 17 -12.10 -21.47 12.17
CA ILE C 17 -12.18 -20.74 13.43
C ILE C 17 -13.52 -20.02 13.55
N VAL C 18 -13.99 -19.41 12.45
CA VAL C 18 -15.29 -18.75 12.50
C VAL C 18 -16.37 -19.73 12.93
N LEU C 19 -16.40 -20.90 12.28
CA LEU C 19 -17.36 -21.93 12.66
C LEU C 19 -17.21 -22.29 14.12
N LEU C 20 -15.96 -22.48 14.58
CA LEU C 20 -15.81 -22.90 15.97
C LEU C 20 -16.40 -21.86 16.89
N ILE C 21 -16.14 -20.57 16.64
CA ILE C 21 -16.69 -19.54 17.51
C ILE C 21 -18.21 -19.60 17.48
N ALA C 22 -18.79 -19.66 16.29
CA ALA C 22 -20.24 -19.65 16.22
C ALA C 22 -20.79 -20.88 16.92
N GLU C 23 -20.17 -22.04 16.69
CA GLU C 23 -20.77 -23.25 17.22
C GLU C 23 -20.51 -23.37 18.70
N SER C 24 -19.46 -22.73 19.20
CA SER C 24 -19.21 -22.85 20.63
C SER C 24 -20.24 -22.06 21.44
N HIS C 25 -20.93 -21.09 20.81
CA HIS C 25 -22.05 -20.37 21.41
C HIS C 25 -23.41 -20.93 21.00
N ASP C 26 -23.45 -21.94 20.13
CA ASP C 26 -24.70 -22.46 19.53
C ASP C 26 -25.51 -21.36 18.83
N ALA C 27 -24.80 -20.48 18.06
CA ALA C 27 -25.46 -19.34 17.45
C ALA C 27 -26.08 -19.70 16.10
N PRO C 28 -27.15 -19.00 15.72
CA PRO C 28 -27.69 -19.14 14.36
C PRO C 28 -26.87 -18.29 13.39
N TYR C 29 -26.49 -18.88 12.26
CA TYR C 29 -25.80 -18.11 11.22
C TYR C 29 -26.20 -18.46 9.80
N ARG C 30 -26.86 -19.58 9.56
CA ARG C 30 -27.41 -19.90 8.25
CA ARG C 30 -27.41 -19.90 8.25
C ARG C 30 -28.90 -19.67 8.36
N LEU C 31 -29.36 -18.50 7.94
CA LEU C 31 -30.73 -18.09 8.19
C LEU C 31 -31.57 -18.18 6.92
N ALA C 32 -32.81 -18.63 7.10
CA ALA C 32 -33.74 -18.74 5.97
C ALA C 32 -34.00 -17.37 5.36
N ASN C 33 -34.35 -16.40 6.20
CA ASN C 33 -34.53 -15.01 5.81
C ASN C 33 -33.49 -14.24 6.61
N PRO C 34 -32.26 -14.12 6.11
CA PRO C 34 -31.19 -13.52 6.92
C PRO C 34 -31.24 -12.00 6.92
N GLU C 35 -32.37 -11.43 6.53
CA GLU C 35 -32.55 -9.98 6.56
C GLU C 35 -33.43 -9.53 7.71
N ASP C 36 -34.43 -10.34 8.08
CA ASP C 36 -35.28 -10.10 9.24
C ASP C 36 -34.98 -11.21 10.24
N PRO C 37 -33.99 -11.02 11.12
CA PRO C 37 -33.64 -12.11 12.04
C PRO C 37 -34.69 -12.33 13.10
N GLU C 38 -35.32 -11.24 13.57
CA GLU C 38 -36.28 -11.35 14.67
C GLU C 38 -37.51 -12.17 14.29
N ALA C 39 -37.81 -12.34 13.00
CA ALA C 39 -38.99 -13.08 12.60
C ALA C 39 -38.83 -14.60 12.68
N ASP C 40 -37.61 -15.12 12.72
CA ASP C 40 -37.41 -16.56 12.78
C ASP C 40 -36.73 -17.04 14.06
N LEU C 41 -36.18 -16.16 14.89
CA LEU C 41 -35.33 -16.56 16.00
C LEU C 41 -35.95 -16.21 17.35
N SER C 42 -35.76 -17.11 18.31
CA SER C 42 -36.20 -16.88 19.67
C SER C 42 -35.30 -15.85 20.37
N ASP C 43 -35.71 -15.40 21.55
CA ASP C 43 -34.91 -14.41 22.26
C ASP C 43 -33.54 -14.97 22.61
N GLU C 44 -33.53 -16.24 23.01
CA GLU C 44 -32.30 -16.91 23.40
C GLU C 44 -31.39 -17.18 22.20
N GLN C 45 -31.96 -17.46 21.02
CA GLN C 45 -31.15 -17.54 19.81
C GLN C 45 -30.52 -16.19 19.51
N LEU C 46 -31.30 -15.11 19.67
CA LEU C 46 -30.76 -13.76 19.50
C LEU C 46 -29.60 -13.51 20.46
N GLU C 47 -29.76 -13.91 21.73
CA GLU C 47 -28.70 -13.69 22.70
C GLU C 47 -27.42 -14.39 22.28
N ARG C 48 -27.56 -15.63 21.78
CA ARG C 48 -26.39 -16.39 21.38
C ARG C 48 -25.75 -15.79 20.14
N ALA C 49 -26.56 -15.27 19.21
CA ALA C 49 -25.98 -14.57 18.07
C ALA C 49 -25.17 -13.36 18.52
N LEU C 50 -25.69 -12.61 19.48
CA LEU C 50 -24.95 -11.45 19.97
C LEU C 50 -23.64 -11.88 20.62
N ALA C 51 -23.68 -12.91 21.46
CA ALA C 51 -22.46 -13.33 22.14
C ALA C 51 -21.40 -13.83 21.15
N ALA C 52 -21.82 -14.62 20.16
CA ALA C 52 -20.87 -15.12 19.16
C ALA C 52 -20.30 -14.01 18.29
N TYR C 53 -21.14 -13.09 17.84
CA TYR C 53 -20.65 -11.99 17.02
C TYR C 53 -19.64 -11.15 17.78
N LEU C 54 -19.92 -10.83 19.05
CA LEU C 54 -18.99 -10.05 19.83
C LEU C 54 -17.66 -10.80 20.04
N THR C 55 -17.72 -12.11 20.31
CA THR C 55 -16.48 -12.87 20.41
C THR C 55 -15.68 -12.80 19.12
N LEU C 56 -16.37 -12.89 17.98
CA LEU C 56 -15.69 -12.79 16.70
C LEU C 56 -15.01 -11.44 16.52
N VAL C 57 -15.72 -10.35 16.85
CA VAL C 57 -15.15 -9.01 16.67
C VAL C 57 -13.94 -8.83 17.57
N GLU C 58 -14.08 -9.23 18.83
CA GLU C 58 -12.96 -9.06 19.75
C GLU C 58 -11.76 -9.89 19.31
N THR C 59 -11.99 -11.10 18.78
CA THR C 59 -10.89 -11.97 18.38
C THR C 59 -10.20 -11.44 17.13
N LEU C 60 -10.96 -11.04 16.12
CA LEU C 60 -10.38 -10.68 14.83
C LEU C 60 -9.97 -9.22 14.72
N PHE C 61 -10.54 -8.32 15.54
CA PHE C 61 -10.24 -6.89 15.44
C PHE C 61 -10.32 -6.26 16.79
N PRO C 62 -9.42 -6.61 17.73
CA PRO C 62 -9.58 -6.21 19.14
C PRO C 62 -9.53 -4.71 19.36
N GLU C 63 -8.79 -3.94 18.55
CA GLU C 63 -8.75 -2.49 18.71
C GLU C 63 -10.09 -1.87 18.38
N LEU C 64 -10.68 -2.30 17.26
CA LEU C 64 -11.99 -1.81 16.87
C LEU C 64 -13.04 -2.15 17.93
N TYR C 65 -12.90 -3.34 18.56
CA TYR C 65 -13.80 -3.74 19.63
C TYR C 65 -13.68 -2.85 20.87
N ALA C 66 -12.45 -2.49 21.25
CA ALA C 66 -12.28 -1.57 22.37
C ALA C 66 -12.94 -0.24 22.06
N GLU C 67 -12.74 0.24 20.83
CA GLU C 67 -13.37 1.48 20.39
C GLU C 67 -14.89 1.38 20.43
N MET C 68 -15.44 0.26 19.97
CA MET C 68 -16.89 0.15 19.92
C MET C 68 -17.47 0.15 21.31
N LYS C 69 -16.82 -0.53 22.26
CA LYS C 69 -17.31 -0.48 23.64
C LYS C 69 -17.30 0.94 24.18
N ALA C 70 -16.19 1.68 23.98
CA ALA C 70 -16.10 3.06 24.46
C ALA C 70 -17.17 3.95 23.81
N ALA C 71 -17.37 3.80 22.49
CA ALA C 71 -18.38 4.60 21.79
C ALA C 71 -19.78 4.29 22.30
N LEU C 72 -20.06 3.01 22.57
CA LEU C 72 -21.36 2.63 23.09
C LEU C 72 -21.57 3.22 24.47
N ALA C 73 -20.50 3.23 25.28
CA ALA C 73 -20.60 3.82 26.61
C ALA C 73 -20.90 5.32 26.53
N ALA C 74 -20.33 6.01 25.53
CA ALA C 74 -20.57 7.45 25.40
C ALA C 74 -21.97 7.79 24.90
N ALA C 75 -22.57 6.92 24.08
CA ALA C 75 -23.92 7.18 23.57
C ALA C 75 -24.94 7.20 24.70
N LYS C 76 -25.85 8.18 24.63
CA LYS C 76 -26.78 8.45 25.72
C LYS C 76 -28.14 7.79 25.54
N THR C 77 -28.66 7.72 24.33
CA THR C 77 -29.98 7.18 24.15
C THR C 77 -29.90 5.79 23.54
N PRO C 78 -30.95 4.97 23.72
CA PRO C 78 -30.97 3.65 23.04
C PRO C 78 -30.77 3.73 21.54
N GLU C 79 -31.40 4.73 20.90
CA GLU C 79 -31.34 4.89 19.46
C GLU C 79 -29.91 5.17 19.00
N GLU C 80 -29.19 5.99 19.76
CA GLU C 80 -27.79 6.27 19.44
C GLU C 80 -26.93 5.04 19.67
N LYS C 81 -27.22 4.24 20.72
CA LYS C 81 -26.43 3.02 20.92
C LYS C 81 -26.58 2.09 19.73
N ILE C 82 -27.80 1.96 19.23
CA ILE C 82 -28.03 1.14 18.04
C ILE C 82 -27.29 1.69 16.83
N ALA C 83 -27.35 3.01 16.62
CA ALA C 83 -26.68 3.60 15.45
C ALA C 83 -25.17 3.41 15.54
N VAL C 84 -24.60 3.59 16.74
CA VAL C 84 -23.17 3.36 16.91
C VAL C 84 -22.81 1.91 16.60
N PHE C 85 -23.62 0.97 17.09
CA PHE C 85 -23.36 -0.44 16.84
C PHE C 85 -23.37 -0.75 15.34
N ARG C 86 -24.35 -0.21 14.61
CA ARG C 86 -24.43 -0.44 13.17
C ARG C 86 -23.23 0.17 12.44
N GLU C 87 -22.80 1.36 12.86
CA GLU C 87 -21.62 1.95 12.23
C GLU C 87 -20.41 1.06 12.41
N TYR C 88 -20.20 0.59 13.65
CA TYR C 88 -19.01 -0.24 13.88
C TYR C 88 -19.14 -1.59 13.19
N ASN C 89 -20.36 -2.12 13.04
CA ASN C 89 -20.54 -3.37 12.31
C ASN C 89 -20.17 -3.20 10.85
N ALA C 90 -20.53 -2.06 10.26
CA ALA C 90 -20.12 -1.81 8.87
C ALA C 90 -18.60 -1.80 8.77
N ARG C 91 -17.96 -1.16 9.73
CA ARG C 91 -16.50 -1.17 9.78
C ARG C 91 -15.96 -2.59 9.93
N PHE C 92 -16.55 -3.39 10.83
CA PHE C 92 -16.03 -4.72 11.06
C PHE C 92 -16.21 -5.60 9.84
N LEU C 93 -17.35 -5.51 9.17
CA LEU C 93 -17.58 -6.35 8.01
C LEU C 93 -16.62 -6.00 6.88
N ALA C 94 -16.30 -4.70 6.69
CA ALA C 94 -15.30 -4.33 5.68
C ALA C 94 -13.90 -4.89 6.03
N GLU C 95 -13.50 -4.74 7.30
CA GLU C 95 -12.24 -5.32 7.73
C GLU C 95 -12.24 -6.84 7.54
N PHE C 96 -13.39 -7.50 7.79
CA PHE C 96 -13.49 -8.94 7.62
C PHE C 96 -13.36 -9.34 6.16
N ASP C 97 -13.90 -8.54 5.24
CA ASP C 97 -13.71 -8.83 3.82
C ASP C 97 -12.21 -8.92 3.49
N ALA C 98 -11.44 -7.94 3.97
CA ALA C 98 -10.00 -7.99 3.74
C ALA C 98 -9.36 -9.22 4.41
N LEU C 99 -9.71 -9.49 5.67
CA LEU C 99 -9.11 -10.62 6.40
C LEU C 99 -9.43 -11.96 5.73
N ILE C 100 -10.65 -12.11 5.22
CA ILE C 100 -11.01 -13.35 4.56
C ILE C 100 -10.22 -13.51 3.25
N ASP C 101 -9.98 -12.41 2.53
CA ASP C 101 -9.11 -12.54 1.35
C ASP C 101 -7.70 -12.98 1.74
N GLN C 102 -7.14 -12.41 2.81
CA GLN C 102 -5.81 -12.84 3.24
C GLN C 102 -5.79 -14.33 3.61
N ALA C 103 -6.79 -14.76 4.39
CA ALA C 103 -6.81 -16.14 4.87
C ALA C 103 -6.95 -17.14 3.73
N PHE C 104 -7.83 -16.86 2.76
CA PHE C 104 -7.98 -17.81 1.66
C PHE C 104 -6.81 -17.74 0.67
N ALA C 105 -6.11 -16.61 0.58
CA ALA C 105 -4.90 -16.58 -0.23
C ALA C 105 -3.82 -17.44 0.39
N ARG C 106 -3.68 -17.41 1.72
CA ARG C 106 -2.71 -18.29 2.35
C ARG C 106 -3.15 -19.76 2.33
N LEU C 107 -4.46 -20.03 2.32
CA LEU C 107 -4.96 -21.41 2.29
C LEU C 107 -4.65 -22.11 0.97
N LYS C 108 -4.68 -21.38 -0.15
CA LYS C 108 -4.44 -21.89 -1.49
C LYS C 108 -5.49 -22.90 -1.91
N ALA C 109 -6.72 -22.71 -1.45
CA ALA C 109 -7.91 -23.40 -1.96
C ALA C 109 -9.04 -22.38 -1.93
N ASP C 110 -9.82 -22.34 -3.00
CA ASP C 110 -10.90 -21.36 -3.08
C ASP C 110 -12.23 -21.82 -2.49
N SER C 111 -12.57 -23.11 -2.56
CA SER C 111 -13.82 -23.57 -1.99
C SER C 111 -13.69 -25.03 -1.60
N LEU C 112 -14.18 -25.36 -0.41
CA LEU C 112 -14.07 -26.70 0.15
C LEU C 112 -15.39 -27.12 0.76
N THR C 113 -15.57 -28.42 0.93
CA THR C 113 -16.73 -28.91 1.67
C THR C 113 -16.23 -29.63 2.91
N LEU C 114 -16.81 -29.34 4.06
CA LEU C 114 -16.46 -30.01 5.31
C LEU C 114 -17.67 -30.80 5.76
N LYS C 115 -17.49 -32.10 5.97
CA LYS C 115 -18.54 -32.98 6.48
C LYS C 115 -18.12 -33.46 7.86
N ILE C 116 -19.00 -33.29 8.84
CA ILE C 116 -18.75 -33.76 10.20
C ILE C 116 -19.75 -34.87 10.51
N HIS C 117 -19.22 -36.04 10.82
CA HIS C 117 -20.00 -37.25 11.06
C HIS C 117 -20.02 -37.49 12.56
N LEU C 118 -21.21 -37.39 13.15
CA LEU C 118 -21.40 -37.61 14.58
C LEU C 118 -22.02 -38.99 14.76
N SER C 119 -21.31 -39.86 15.48
CA SER C 119 -21.77 -41.21 15.78
C SER C 119 -21.52 -41.52 17.26
N GLN C 120 -21.78 -42.76 17.67
CA GLN C 120 -21.95 -43.09 19.08
C GLN C 120 -20.76 -42.61 19.93
N GLY C 121 -19.55 -42.96 19.52
CA GLY C 121 -18.38 -42.58 20.28
C GLY C 121 -17.82 -41.26 19.79
N LYS C 122 -16.56 -41.30 19.35
CA LYS C 122 -15.99 -40.15 18.68
C LYS C 122 -16.45 -40.16 17.23
N GLY C 123 -16.80 -38.99 16.72
CA GLY C 123 -17.13 -38.82 15.34
C GLY C 123 -15.87 -38.59 14.53
N SER C 124 -16.06 -38.16 13.29
CA SER C 124 -14.94 -37.91 12.41
C SER C 124 -15.33 -36.79 11.46
N TYR C 125 -14.35 -36.27 10.73
CA TYR C 125 -14.67 -35.31 9.67
C TYR C 125 -13.95 -35.66 8.39
N GLU C 126 -14.41 -35.01 7.33
CA GLU C 126 -13.96 -35.25 5.98
C GLU C 126 -13.94 -33.92 5.25
N ILE C 127 -12.81 -33.59 4.64
CA ILE C 127 -12.66 -32.41 3.80
C ILE C 127 -12.68 -32.84 2.34
N ILE C 128 -13.57 -32.26 1.55
CA ILE C 128 -13.63 -32.47 0.12
C ILE C 128 -13.03 -31.24 -0.57
N PHE C 129 -11.86 -31.45 -1.16
CA PHE C 129 -10.98 -30.47 -1.77
C PHE C 129 -11.39 -30.14 -3.19
N PRO C 130 -11.05 -28.95 -3.69
CA PRO C 130 -11.27 -28.65 -5.11
C PRO C 130 -10.36 -29.53 -5.96
N PRO C 131 -10.69 -29.70 -7.26
CA PRO C 131 -9.92 -30.67 -8.07
C PRO C 131 -8.41 -30.40 -8.12
N GLU C 132 -7.98 -29.14 -8.19
CA GLU C 132 -6.55 -28.86 -8.29
C GLU C 132 -5.81 -29.25 -7.01
N VAL C 133 -6.46 -29.18 -5.85
CA VAL C 133 -5.79 -29.61 -4.63
C VAL C 133 -5.87 -31.13 -4.47
N GLN C 134 -6.96 -31.76 -4.95
CA GLN C 134 -7.05 -33.22 -4.95
C GLN C 134 -5.91 -33.86 -5.73
N ALA C 135 -5.39 -33.16 -6.74
CA ALA C 135 -4.25 -33.63 -7.53
C ALA C 135 -2.90 -33.37 -6.86
N ASP C 136 -2.86 -32.73 -5.70
CA ASP C 136 -1.62 -32.38 -5.02
C ASP C 136 -1.74 -32.91 -3.60
N PRO C 137 -1.57 -34.22 -3.42
CA PRO C 137 -1.87 -34.83 -2.11
C PRO C 137 -1.12 -34.19 -0.96
N GLU C 138 0.09 -33.69 -1.21
CA GLU C 138 0.84 -33.03 -0.15
C GLU C 138 0.20 -31.71 0.25
N ARG C 139 -0.34 -30.95 -0.71
CA ARG C 139 -1.05 -29.73 -0.35
C ARG C 139 -2.32 -30.05 0.44
N ALA C 140 -3.07 -31.08 0.02
CA ALA C 140 -4.24 -31.51 0.77
C ALA C 140 -3.87 -31.91 2.19
N ALA C 141 -2.76 -32.63 2.35
CA ALA C 141 -2.31 -33.02 3.68
C ALA C 141 -1.94 -31.80 4.51
N ALA C 142 -1.30 -30.81 3.88
CA ALA C 142 -0.97 -29.59 4.61
C ALA C 142 -2.23 -28.87 5.10
N ILE C 143 -3.26 -28.79 4.26
CA ILE C 143 -4.49 -28.12 4.68
C ILE C 143 -5.13 -28.90 5.81
N GLU C 144 -5.17 -30.22 5.68
CA GLU C 144 -5.73 -31.05 6.74
C GLU C 144 -4.99 -30.80 8.05
N ALA C 145 -3.67 -30.80 8.02
CA ALA C 145 -2.88 -30.64 9.23
C ALA C 145 -3.07 -29.24 9.83
N LEU C 146 -3.23 -28.24 8.97
CA LEU C 146 -3.50 -26.89 9.47
C LEU C 146 -4.85 -26.83 10.17
N TRP C 147 -5.91 -27.42 9.59
CA TRP C 147 -7.25 -27.33 10.15
C TRP C 147 -7.48 -28.25 11.36
N LYS C 148 -6.64 -29.28 11.52
CA LYS C 148 -6.95 -30.34 12.48
C LYS C 148 -7.21 -29.88 13.91
N PRO C 149 -6.40 -29.03 14.53
CA PRO C 149 -6.72 -28.64 15.93
C PRO C 149 -8.08 -27.99 16.09
N THR C 150 -8.41 -27.07 15.18
CA THR C 150 -9.71 -26.42 15.19
C THR C 150 -10.84 -27.39 14.91
N LEU C 151 -10.68 -28.26 13.90
CA LEU C 151 -11.72 -29.23 13.60
C LEU C 151 -11.92 -30.20 14.76
N ASP C 152 -10.84 -30.58 15.44
CA ASP C 152 -10.99 -31.45 16.61
C ASP C 152 -11.82 -30.77 17.70
N GLN C 153 -11.56 -29.48 17.96
CA GLN C 153 -12.40 -28.79 18.94
C GLN C 153 -13.86 -28.69 18.45
N LEU C 154 -14.05 -28.37 17.16
CA LEU C 154 -15.42 -28.23 16.64
C LEU C 154 -16.18 -29.54 16.77
N LEU C 155 -15.51 -30.65 16.43
CA LEU C 155 -16.12 -31.96 16.57
C LEU C 155 -16.48 -32.25 18.02
N ALA C 156 -15.60 -31.91 18.97
CA ALA C 156 -15.99 -32.10 20.38
C ALA C 156 -17.23 -31.30 20.75
N VAL C 157 -17.27 -30.03 20.32
CA VAL C 157 -18.43 -29.19 20.63
C VAL C 157 -19.70 -29.83 20.08
N LEU C 158 -19.66 -30.27 18.82
CA LEU C 158 -20.84 -30.86 18.20
C LEU C 158 -21.22 -32.19 18.86
N GLN C 159 -20.23 -32.99 19.26
CA GLN C 159 -20.54 -34.27 19.90
C GLN C 159 -21.26 -34.04 21.22
N GLU C 160 -20.85 -33.01 21.98
CA GLU C 160 -21.57 -32.67 23.21
C GLU C 160 -23.01 -32.26 22.90
N LYS C 161 -23.20 -31.45 21.85
CA LYS C 161 -24.56 -31.06 21.48
C LYS C 161 -25.41 -32.25 21.00
N HIS C 162 -24.80 -33.37 20.60
CA HIS C 162 -25.53 -34.46 19.98
C HIS C 162 -25.41 -35.77 20.75
N LYS C 163 -25.15 -35.70 22.04
CA LYS C 163 -24.95 -36.91 22.82
C LYS C 163 -26.24 -37.74 22.83
N GLY C 164 -26.09 -39.05 22.59
CA GLY C 164 -27.20 -39.97 22.61
C GLY C 164 -28.11 -39.93 21.40
N LYS C 165 -27.69 -39.30 20.31
CA LYS C 165 -28.57 -39.11 19.15
C LYS C 165 -28.14 -39.99 17.99
N PRO C 166 -29.05 -40.28 17.07
CA PRO C 166 -28.68 -41.11 15.91
C PRO C 166 -27.56 -40.47 15.09
N ALA C 167 -26.94 -41.29 14.25
CA ALA C 167 -25.88 -40.81 13.37
C ALA C 167 -26.37 -39.58 12.62
N THR C 168 -25.58 -38.50 12.68
CA THR C 168 -25.97 -37.28 11.97
C THR C 168 -24.76 -36.67 11.29
N THR C 169 -24.96 -36.17 10.06
CA THR C 169 -23.89 -35.54 9.30
C THR C 169 -24.21 -34.07 9.09
N VAL C 170 -23.25 -33.20 9.40
CA VAL C 170 -23.36 -31.76 9.21
C VAL C 170 -22.44 -31.37 8.06
N THR C 171 -22.98 -30.65 7.07
CA THR C 171 -22.24 -30.26 5.88
C THR C 171 -22.06 -28.74 5.85
N TYR C 172 -20.80 -28.29 5.81
CA TYR C 172 -20.45 -26.87 5.69
C TYR C 172 -19.82 -26.64 4.33
N GLU C 173 -20.38 -25.71 3.56
CA GLU C 173 -19.69 -25.21 2.37
C GLU C 173 -18.81 -24.04 2.79
N ILE C 174 -17.51 -24.14 2.50
CA ILE C 174 -16.52 -23.22 3.02
C ILE C 174 -15.90 -22.45 1.84
N SER C 175 -16.19 -21.16 1.76
CA SER C 175 -15.59 -20.27 0.76
C SER C 175 -15.60 -18.86 1.34
N ALA C 176 -14.85 -17.97 0.68
CA ALA C 176 -14.87 -16.56 1.11
C ALA C 176 -16.31 -16.04 1.15
N GLU C 177 -17.11 -16.43 0.14
CA GLU C 177 -18.48 -15.97 0.04
C GLU C 177 -19.38 -16.55 1.15
N THR C 178 -19.26 -17.84 1.46
CA THR C 178 -20.13 -18.39 2.50
C THR C 178 -19.74 -17.88 3.87
N LEU C 179 -18.45 -17.69 4.11
CA LEU C 179 -18.02 -17.16 5.41
C LEU C 179 -18.46 -15.69 5.57
N ARG C 180 -18.37 -14.91 4.50
CA ARG C 180 -18.90 -13.55 4.52
C ARG C 180 -20.40 -13.55 4.81
N ALA C 181 -21.15 -14.43 4.16
CA ALA C 181 -22.59 -14.49 4.42
C ALA C 181 -22.86 -14.89 5.88
N ALA C 182 -22.12 -15.84 6.41
CA ALA C 182 -22.32 -16.25 7.80
C ALA C 182 -22.07 -15.11 8.76
N VAL C 183 -20.98 -14.34 8.54
CA VAL C 183 -20.67 -13.26 9.48
C VAL C 183 -21.65 -12.11 9.35
N ALA C 184 -22.08 -11.79 8.13
CA ALA C 184 -23.11 -10.77 7.97
C ALA C 184 -24.42 -11.20 8.65
N ALA C 185 -24.80 -12.47 8.50
CA ALA C 185 -26.02 -12.92 9.14
C ALA C 185 -25.91 -12.82 10.64
N LEU C 186 -24.75 -13.17 11.18
CA LEU C 186 -24.52 -13.04 12.62
C LEU C 186 -24.62 -11.58 13.05
N ALA C 187 -24.06 -10.67 12.25
CA ALA C 187 -24.08 -9.26 12.64
C ALA C 187 -25.51 -8.73 12.64
N ARG C 188 -26.33 -9.13 11.68
CA ARG C 188 -27.73 -8.70 11.65
C ARG C 188 -28.53 -9.28 12.82
N ALA C 189 -28.32 -10.57 13.13
CA ALA C 189 -28.99 -11.10 14.31
C ALA C 189 -28.52 -10.38 15.57
N ALA C 190 -27.22 -10.06 15.66
CA ALA C 190 -26.69 -9.37 16.82
C ALA C 190 -27.30 -7.97 16.96
N GLU C 191 -27.49 -7.27 15.84
CA GLU C 191 -28.18 -5.98 15.88
C GLU C 191 -29.59 -6.14 16.42
N ALA C 192 -30.31 -7.15 15.95
CA ALA C 192 -31.66 -7.37 16.48
C ALA C 192 -31.63 -7.59 17.99
N ALA C 193 -30.66 -8.37 18.45
CA ALA C 193 -30.55 -8.60 19.88
C ALA C 193 -30.24 -7.31 20.63
N LEU C 194 -29.30 -6.52 20.10
CA LEU C 194 -28.93 -5.29 20.80
C LEU C 194 -30.11 -4.32 20.86
N ARG C 195 -30.87 -4.23 19.77
CA ARG C 195 -32.08 -3.41 19.77
C ARG C 195 -33.02 -3.82 20.90
N ARG C 196 -33.24 -5.13 21.07
CA ARG C 196 -34.07 -5.55 22.19
C ARG C 196 -33.41 -5.24 23.54
N LYS C 197 -32.09 -5.30 23.61
CA LYS C 197 -31.40 -5.14 24.90
C LYS C 197 -31.37 -3.69 25.39
N VAL C 198 -31.28 -2.71 24.49
CA VAL C 198 -31.17 -1.32 24.93
C VAL C 198 -32.50 -0.57 25.03
N GLY C 199 -33.56 -1.07 24.38
CA GLY C 199 -34.86 -0.42 24.45
C GLY C 199 -35.66 -0.74 25.70
N PRO D 1 -10.43 15.91 -30.86
CA PRO D 1 -10.20 16.21 -29.44
C PRO D 1 -8.98 15.49 -28.91
N ASP D 2 -8.18 16.17 -28.09
CA ASP D 2 -6.94 15.61 -27.58
C ASP D 2 -7.22 15.07 -26.19
N PHE D 3 -6.95 13.78 -25.99
CA PHE D 3 -7.26 13.13 -24.72
C PHE D 3 -6.04 13.00 -23.83
N THR D 4 -5.09 13.94 -23.98
CA THR D 4 -3.95 14.00 -23.08
C THR D 4 -4.41 14.64 -21.77
N GLY D 5 -4.03 14.02 -20.65
CA GLY D 5 -4.50 14.50 -19.38
C GLY D 5 -5.90 14.05 -19.06
N ALA D 6 -6.57 13.39 -20.00
CA ALA D 6 -7.94 12.92 -19.80
C ALA D 6 -8.02 12.03 -18.57
N ARG D 7 -7.01 11.17 -18.34
CA ARG D 7 -7.05 10.32 -17.17
C ARG D 7 -7.05 11.14 -15.88
N GLU D 8 -6.22 12.19 -15.84
CA GLU D 8 -6.18 13.05 -14.67
C GLU D 8 -7.54 13.72 -14.45
N ARG D 9 -8.13 14.27 -15.52
CA ARG D 9 -9.44 14.90 -15.37
C ARG D 9 -10.49 13.90 -14.91
N PHE D 10 -10.49 12.70 -15.49
CA PHE D 10 -11.45 11.68 -15.08
C PHE D 10 -11.34 11.39 -13.59
N LEU D 11 -10.11 11.11 -13.11
CA LEU D 11 -9.96 10.82 -11.68
C LEU D 11 -10.32 12.03 -10.81
N ALA D 12 -10.16 13.24 -11.33
CA ALA D 12 -10.60 14.41 -10.59
C ALA D 12 -12.12 14.53 -10.52
N GLY D 13 -12.85 13.73 -11.28
CA GLY D 13 -14.31 13.73 -11.22
C GLY D 13 -14.98 14.07 -12.53
N ASP D 14 -14.22 14.32 -13.58
CA ASP D 14 -14.73 14.66 -14.90
C ASP D 14 -15.05 13.37 -15.65
N VAL D 15 -16.10 12.68 -15.17
CA VAL D 15 -16.43 11.36 -15.69
C VAL D 15 -17.05 11.42 -17.09
N THR D 16 -17.60 12.57 -17.51
CA THR D 16 -18.15 12.62 -18.86
C THR D 16 -17.07 12.52 -19.92
N ILE D 17 -15.80 12.52 -19.53
CA ILE D 17 -14.71 12.16 -20.46
C ILE D 17 -15.07 10.87 -21.20
N VAL D 18 -15.65 9.91 -20.49
CA VAL D 18 -16.03 8.66 -21.17
C VAL D 18 -16.98 8.97 -22.32
N LEU D 19 -18.03 9.75 -22.05
CA LEU D 19 -18.97 10.15 -23.08
C LEU D 19 -18.25 10.87 -24.21
N LEU D 20 -17.34 11.78 -23.88
CA LEU D 20 -16.68 12.50 -24.97
C LEU D 20 -15.95 11.52 -25.87
N ILE D 21 -15.23 10.55 -25.26
CA ILE D 21 -14.49 9.60 -26.08
C ILE D 21 -15.45 8.83 -26.98
N ALA D 22 -16.53 8.30 -26.39
CA ALA D 22 -17.46 7.53 -27.21
C ALA D 22 -18.09 8.42 -28.27
N GLU D 23 -18.48 9.64 -27.90
CA GLU D 23 -19.22 10.40 -28.89
C GLU D 23 -18.29 10.92 -29.95
N SER D 24 -17.01 11.10 -29.61
CA SER D 24 -16.11 11.62 -30.64
C SER D 24 -15.88 10.58 -31.71
N HIS D 25 -16.12 9.31 -31.40
CA HIS D 25 -16.09 8.24 -32.40
C HIS D 25 -17.46 7.93 -32.93
N ASP D 26 -18.51 8.57 -32.41
CA ASP D 26 -19.88 8.26 -32.78
C ASP D 26 -20.15 6.77 -32.59
N ALA D 27 -19.68 6.23 -31.45
CA ALA D 27 -19.78 4.81 -31.14
C ALA D 27 -21.12 4.50 -30.48
N PRO D 28 -21.60 3.26 -30.66
CA PRO D 28 -22.80 2.81 -29.93
C PRO D 28 -22.42 2.33 -28.54
N TYR D 29 -23.16 2.79 -27.52
CA TYR D 29 -22.90 2.29 -26.16
C TYR D 29 -24.14 2.02 -25.32
N ARG D 30 -25.32 2.57 -25.62
CA ARG D 30 -26.55 2.26 -24.90
C ARG D 30 -27.34 1.32 -25.79
N LEU D 31 -27.20 0.02 -25.56
CA LEU D 31 -27.69 -1.01 -26.47
C LEU D 31 -28.85 -1.80 -25.88
N ALA D 32 -29.84 -2.10 -26.71
CA ALA D 32 -31.02 -2.86 -26.28
C ALA D 32 -30.64 -4.26 -25.83
N ASN D 33 -29.85 -4.98 -26.64
CA ASN D 33 -29.31 -6.29 -26.29
C ASN D 33 -27.79 -6.19 -26.23
N PRO D 34 -27.23 -5.72 -25.12
CA PRO D 34 -25.78 -5.47 -25.09
C PRO D 34 -24.96 -6.74 -24.93
N GLU D 35 -25.60 -7.88 -25.19
CA GLU D 35 -24.92 -9.18 -25.17
C GLU D 35 -24.67 -9.69 -26.58
N ASP D 36 -25.57 -9.39 -27.51
CA ASP D 36 -25.41 -9.70 -28.93
C ASP D 36 -25.29 -8.39 -29.71
N PRO D 37 -24.09 -7.82 -29.82
CA PRO D 37 -23.96 -6.55 -30.55
C PRO D 37 -24.09 -6.71 -32.04
N GLU D 38 -23.54 -7.79 -32.62
CA GLU D 38 -23.58 -7.93 -34.07
C GLU D 38 -25.00 -8.16 -34.60
N ALA D 39 -25.93 -8.56 -33.75
CA ALA D 39 -27.30 -8.70 -34.22
C ALA D 39 -27.99 -7.35 -34.36
N ASP D 40 -27.45 -6.31 -33.73
CA ASP D 40 -28.03 -4.98 -33.77
C ASP D 40 -27.15 -3.94 -34.46
N LEU D 41 -25.88 -4.22 -34.72
CA LEU D 41 -24.93 -3.18 -35.14
C LEU D 41 -24.33 -3.48 -36.51
N SER D 42 -24.20 -2.44 -37.32
CA SER D 42 -23.57 -2.51 -38.62
C SER D 42 -22.05 -2.55 -38.50
N ASP D 43 -21.41 -2.78 -39.64
CA ASP D 43 -19.96 -2.87 -39.66
C ASP D 43 -19.26 -1.56 -39.25
N GLU D 44 -19.72 -0.33 -39.65
CA GLU D 44 -19.16 0.79 -38.83
C GLU D 44 -19.64 0.88 -37.41
N GLN D 45 -20.84 0.46 -37.08
CA GLN D 45 -21.10 0.56 -35.66
C GLN D 45 -20.06 -0.24 -34.90
N LEU D 46 -19.75 -1.46 -35.36
CA LEU D 46 -18.70 -2.28 -34.75
C LEU D 46 -17.33 -1.63 -34.82
N GLU D 47 -16.95 -1.11 -35.99
CA GLU D 47 -15.64 -0.49 -36.15
C GLU D 47 -15.49 0.70 -35.20
N ARG D 48 -16.52 1.51 -35.11
CA ARG D 48 -16.48 2.70 -34.27
C ARG D 48 -16.43 2.33 -32.79
N ALA D 49 -17.19 1.30 -32.40
CA ALA D 49 -17.08 0.80 -31.04
C ALA D 49 -15.67 0.32 -30.73
N LEU D 50 -15.04 -0.36 -31.70
CA LEU D 50 -13.69 -0.86 -31.44
C LEU D 50 -12.74 0.30 -31.21
N ALA D 51 -12.82 1.31 -32.07
CA ALA D 51 -11.91 2.43 -31.95
C ALA D 51 -12.14 3.20 -30.65
N ALA D 52 -13.41 3.44 -30.30
CA ALA D 52 -13.69 4.15 -29.06
C ALA D 52 -13.23 3.35 -27.85
N TYR D 53 -13.50 2.04 -27.83
CA TYR D 53 -13.06 1.21 -26.73
C TYR D 53 -11.55 1.25 -26.59
N LEU D 54 -10.82 1.16 -27.69
CA LEU D 54 -9.36 1.20 -27.62
C LEU D 54 -8.86 2.55 -27.11
N THR D 55 -9.46 3.65 -27.58
CA THR D 55 -9.08 4.96 -27.04
C THR D 55 -9.29 4.99 -25.53
N LEU D 56 -10.42 4.47 -25.08
CA LEU D 56 -10.74 4.46 -23.66
C LEU D 56 -9.70 3.67 -22.87
N VAL D 57 -9.32 2.49 -23.36
CA VAL D 57 -8.37 1.67 -22.64
C VAL D 57 -6.99 2.33 -22.63
N GLU D 58 -6.54 2.85 -23.77
CA GLU D 58 -5.24 3.50 -23.81
C GLU D 58 -5.21 4.74 -22.91
N THR D 59 -6.30 5.51 -22.89
CA THR D 59 -6.33 6.75 -22.11
C THR D 59 -6.38 6.49 -20.62
N LEU D 60 -7.23 5.56 -20.22
CA LEU D 60 -7.43 5.35 -18.80
C LEU D 60 -6.45 4.36 -18.22
N PHE D 61 -5.75 3.59 -19.09
CA PHE D 61 -5.14 2.40 -18.57
C PHE D 61 -3.92 2.09 -19.43
N PRO D 62 -2.96 3.02 -19.56
CA PRO D 62 -1.94 2.87 -20.61
C PRO D 62 -1.02 1.66 -20.48
N GLU D 63 -0.67 1.29 -19.25
CA GLU D 63 0.24 0.16 -19.04
C GLU D 63 -0.42 -1.14 -19.51
N LEU D 64 -1.66 -1.38 -19.06
CA LEU D 64 -2.41 -2.55 -19.52
C LEU D 64 -2.58 -2.55 -21.02
N TYR D 65 -2.76 -1.38 -21.62
CA TYR D 65 -2.93 -1.29 -23.07
C TYR D 65 -1.68 -1.73 -23.81
N ALA D 66 -0.52 -1.28 -23.35
CA ALA D 66 0.73 -1.73 -23.96
C ALA D 66 0.90 -3.25 -23.79
N GLU D 67 0.59 -3.75 -22.60
CA GLU D 67 0.68 -5.20 -22.39
C GLU D 67 -0.22 -5.94 -23.34
N MET D 68 -1.45 -5.44 -23.51
CA MET D 68 -2.42 -6.10 -24.38
C MET D 68 -1.94 -6.07 -25.82
N LYS D 69 -1.33 -4.95 -26.23
CA LYS D 69 -0.79 -4.85 -27.59
C LYS D 69 0.26 -5.93 -27.84
N ALA D 70 1.20 -6.06 -26.90
CA ALA D 70 2.24 -7.07 -27.03
C ALA D 70 1.67 -8.48 -27.03
N ALA D 71 0.73 -8.75 -26.11
CA ALA D 71 0.16 -10.11 -26.01
C ALA D 71 -0.58 -10.48 -27.29
N LEU D 72 -1.33 -9.53 -27.86
CA LEU D 72 -2.00 -9.81 -29.12
C LEU D 72 -0.99 -10.05 -30.24
N ALA D 73 0.08 -9.26 -30.27
CA ALA D 73 1.07 -9.47 -31.33
C ALA D 73 1.70 -10.86 -31.23
N ALA D 74 1.96 -11.32 -30.00
CA ALA D 74 2.58 -12.62 -29.80
C ALA D 74 1.62 -13.77 -30.08
N ALA D 75 0.31 -13.54 -29.93
CA ALA D 75 -0.67 -14.57 -30.22
C ALA D 75 -0.58 -14.98 -31.69
N LYS D 76 -0.64 -16.28 -31.95
CA LYS D 76 -0.38 -16.78 -33.29
C LYS D 76 -1.64 -17.04 -34.10
N THR D 77 -2.68 -17.54 -33.51
CA THR D 77 -3.89 -17.89 -34.22
C THR D 77 -4.96 -16.84 -33.97
N PRO D 78 -5.99 -16.80 -34.83
CA PRO D 78 -7.15 -15.93 -34.53
C PRO D 78 -7.81 -16.22 -33.20
N GLU D 79 -7.98 -17.51 -32.87
CA GLU D 79 -8.70 -17.88 -31.66
C GLU D 79 -7.94 -17.38 -30.44
N GLU D 80 -6.61 -17.47 -30.48
CA GLU D 80 -5.80 -16.97 -29.38
C GLU D 80 -5.87 -15.45 -29.29
N LYS D 81 -5.94 -14.77 -30.44
CA LYS D 81 -6.08 -13.30 -30.40
C LYS D 81 -7.38 -12.90 -29.73
N ILE D 82 -8.47 -13.62 -30.03
CA ILE D 82 -9.75 -13.36 -29.37
C ILE D 82 -9.64 -13.64 -27.87
N ALA D 83 -9.03 -14.77 -27.51
CA ALA D 83 -8.94 -15.14 -26.10
C ALA D 83 -8.13 -14.11 -25.33
N VAL D 84 -7.01 -13.66 -25.89
CA VAL D 84 -6.19 -12.66 -25.24
C VAL D 84 -6.97 -11.36 -25.06
N PHE D 85 -7.71 -10.95 -26.08
CA PHE D 85 -8.52 -9.73 -25.98
C PHE D 85 -9.53 -9.86 -24.85
N ARG D 86 -10.23 -11.01 -24.80
CA ARG D 86 -11.22 -11.26 -23.76
C ARG D 86 -10.62 -11.14 -22.36
N GLU D 87 -9.45 -11.76 -22.15
CA GLU D 87 -8.81 -11.69 -20.83
C GLU D 87 -8.44 -10.26 -20.47
N TYR D 88 -7.83 -9.53 -21.40
CA TYR D 88 -7.44 -8.17 -21.05
C TYR D 88 -8.66 -7.29 -20.84
N ASN D 89 -9.76 -7.55 -21.55
CA ASN D 89 -10.98 -6.77 -21.32
C ASN D 89 -11.53 -7.05 -19.93
N ALA D 90 -11.45 -8.30 -19.47
CA ALA D 90 -11.89 -8.58 -18.10
C ALA D 90 -11.07 -7.77 -17.09
N ARG D 91 -9.75 -7.74 -17.30
CA ARG D 91 -8.88 -6.94 -16.45
C ARG D 91 -9.23 -5.45 -16.52
N PHE D 92 -9.45 -4.96 -17.74
CA PHE D 92 -9.74 -3.55 -17.92
C PHE D 92 -11.05 -3.17 -17.25
N LEU D 93 -12.08 -4.00 -17.40
CA LEU D 93 -13.37 -3.68 -16.79
C LEU D 93 -13.28 -3.68 -15.26
N ALA D 94 -12.54 -4.64 -14.67
CA ALA D 94 -12.40 -4.65 -13.22
C ALA D 94 -11.69 -3.38 -12.72
N GLU D 95 -10.59 -3.04 -13.41
CA GLU D 95 -9.86 -1.83 -13.08
C GLU D 95 -10.73 -0.57 -13.25
N PHE D 96 -11.62 -0.57 -14.25
CA PHE D 96 -12.50 0.56 -14.47
C PHE D 96 -13.53 0.67 -13.34
N ASP D 97 -14.00 -0.47 -12.82
CA ASP D 97 -14.86 -0.44 -11.64
C ASP D 97 -14.21 0.33 -10.50
N ALA D 98 -12.93 0.02 -10.25
CA ALA D 98 -12.18 0.76 -9.23
C ALA D 98 -12.03 2.25 -9.60
N LEU D 99 -11.65 2.54 -10.85
CA LEU D 99 -11.44 3.93 -11.24
C LEU D 99 -12.73 4.75 -11.08
N ILE D 100 -13.89 4.13 -11.30
CA ILE D 100 -15.17 4.84 -11.22
C ILE D 100 -15.54 5.08 -9.75
N ASP D 101 -15.28 4.10 -8.87
CA ASP D 101 -15.42 4.36 -7.44
C ASP D 101 -14.55 5.55 -7.02
N GLN D 102 -13.32 5.62 -7.53
CA GLN D 102 -12.45 6.75 -7.16
C GLN D 102 -13.04 8.08 -7.63
N ALA D 103 -13.49 8.14 -8.89
CA ALA D 103 -13.97 9.41 -9.44
C ALA D 103 -15.25 9.87 -8.73
N PHE D 104 -16.18 8.95 -8.47
CA PHE D 104 -17.41 9.35 -7.80
C PHE D 104 -17.23 9.59 -6.30
N ALA D 105 -16.16 9.06 -5.69
CA ALA D 105 -15.83 9.50 -4.35
C ALA D 105 -15.28 10.93 -4.37
N ARG D 106 -14.39 11.21 -5.31
CA ARG D 106 -13.79 12.54 -5.40
C ARG D 106 -14.85 13.60 -5.65
N LEU D 107 -15.43 13.60 -6.86
CA LEU D 107 -16.66 14.37 -7.07
C LEU D 107 -17.72 13.79 -6.16
N LYS D 108 -18.31 14.61 -5.31
CA LYS D 108 -19.14 14.08 -4.21
C LYS D 108 -20.61 14.01 -4.55
N ALA D 109 -20.95 13.59 -5.78
CA ALA D 109 -22.33 13.32 -6.15
C ALA D 109 -22.45 11.91 -6.72
N ASP D 110 -23.51 11.20 -6.27
CA ASP D 110 -23.70 9.81 -6.65
C ASP D 110 -24.37 9.66 -8.02
N SER D 111 -25.29 10.55 -8.37
CA SER D 111 -25.95 10.47 -9.66
C SER D 111 -26.37 11.88 -10.09
N LEU D 112 -26.16 12.18 -11.37
CA LEU D 112 -26.51 13.47 -11.94
C LEU D 112 -27.19 13.25 -13.28
N THR D 113 -27.95 14.25 -13.71
CA THR D 113 -28.57 14.21 -15.03
C THR D 113 -27.93 15.28 -15.89
N LEU D 114 -27.55 14.94 -17.12
CA LEU D 114 -26.98 15.90 -18.07
C LEU D 114 -27.87 15.97 -19.29
N LYS D 115 -28.32 17.17 -19.62
CA LYS D 115 -29.17 17.39 -20.78
C LYS D 115 -28.42 18.29 -21.74
N ILE D 116 -28.30 17.86 -22.99
CA ILE D 116 -27.66 18.62 -24.05
C ILE D 116 -28.75 19.04 -25.02
N HIS D 117 -28.87 20.34 -25.23
CA HIS D 117 -29.86 20.94 -26.11
C HIS D 117 -29.15 21.44 -27.35
N LEU D 118 -29.45 20.83 -28.49
CA LEU D 118 -28.92 21.23 -29.78
C LEU D 118 -30.03 21.95 -30.52
N SER D 119 -29.78 23.22 -30.85
CA SER D 119 -30.68 24.06 -31.63
C SER D 119 -29.83 24.79 -32.68
N GLN D 120 -30.43 25.76 -33.38
CA GLN D 120 -29.89 26.25 -34.65
C GLN D 120 -28.42 26.66 -34.54
N GLY D 121 -28.07 27.46 -33.54
CA GLY D 121 -26.69 27.92 -33.44
C GLY D 121 -25.83 27.03 -32.56
N LYS D 122 -25.24 27.63 -31.53
CA LYS D 122 -24.60 26.85 -30.50
C LYS D 122 -25.68 26.40 -29.53
N GLY D 123 -25.57 25.18 -29.07
CA GLY D 123 -26.48 24.63 -28.09
C GLY D 123 -26.05 24.94 -26.68
N SER D 124 -26.64 24.22 -25.75
CA SER D 124 -26.36 24.45 -24.34
C SER D 124 -26.46 23.10 -23.63
N TYR D 125 -25.99 23.07 -22.39
CA TYR D 125 -26.17 21.91 -21.54
C TYR D 125 -26.64 22.33 -20.15
N GLU D 126 -27.15 21.35 -19.42
CA GLU D 126 -27.75 21.55 -18.11
C GLU D 126 -27.44 20.34 -17.23
N ILE D 127 -26.90 20.58 -16.04
CA ILE D 127 -26.66 19.53 -15.05
C ILE D 127 -27.77 19.63 -14.01
N ILE D 128 -28.47 18.53 -13.78
CA ILE D 128 -29.45 18.46 -12.72
C ILE D 128 -28.77 17.70 -11.60
N PHE D 129 -28.43 18.46 -10.53
CA PHE D 129 -27.66 18.04 -9.37
C PHE D 129 -28.57 17.33 -8.37
N PRO D 130 -28.02 16.42 -7.58
CA PRO D 130 -28.81 15.79 -6.50
C PRO D 130 -29.17 16.82 -5.44
N PRO D 131 -30.17 16.53 -4.60
CA PRO D 131 -30.64 17.57 -3.66
C PRO D 131 -29.57 18.17 -2.76
N GLU D 132 -28.65 17.34 -2.24
CA GLU D 132 -27.62 17.85 -1.33
C GLU D 132 -26.60 18.76 -2.03
N VAL D 133 -26.30 18.51 -3.31
CA VAL D 133 -25.37 19.40 -3.99
C VAL D 133 -26.10 20.65 -4.47
N GLN D 134 -27.35 20.49 -4.86
CA GLN D 134 -28.18 21.61 -5.25
C GLN D 134 -28.34 22.62 -4.12
N ALA D 135 -28.24 22.17 -2.87
CA ALA D 135 -28.30 23.05 -1.71
C ALA D 135 -27.00 23.80 -1.45
N ASP D 136 -25.95 23.57 -2.22
CA ASP D 136 -24.62 24.16 -2.01
C ASP D 136 -24.21 24.79 -3.34
N PRO D 137 -24.78 25.95 -3.69
CA PRO D 137 -24.69 26.46 -5.07
C PRO D 137 -23.28 26.57 -5.56
N GLU D 138 -22.43 26.89 -4.60
CA GLU D 138 -20.99 27.05 -4.73
C GLU D 138 -20.20 25.73 -4.85
N ARG D 139 -20.60 24.64 -4.18
CA ARG D 139 -20.09 23.33 -4.58
C ARG D 139 -20.55 22.94 -6.00
N ALA D 140 -21.85 23.12 -6.29
CA ALA D 140 -22.36 22.81 -7.63
C ALA D 140 -21.64 23.61 -8.70
N ALA D 141 -21.35 24.87 -8.42
CA ALA D 141 -20.59 25.68 -9.37
C ALA D 141 -19.21 25.08 -9.57
N ALA D 142 -18.61 24.54 -8.50
CA ALA D 142 -17.31 23.90 -8.66
C ALA D 142 -17.41 22.72 -9.63
N ILE D 143 -18.47 21.91 -9.51
CA ILE D 143 -18.63 20.79 -10.44
C ILE D 143 -18.85 21.28 -11.87
N GLU D 144 -19.68 22.31 -12.03
CA GLU D 144 -19.91 22.85 -13.37
C GLU D 144 -18.59 23.29 -13.99
N ALA D 145 -17.76 24.00 -13.22
CA ALA D 145 -16.51 24.51 -13.74
C ALA D 145 -15.55 23.37 -14.06
N LEU D 146 -15.60 22.29 -13.28
CA LEU D 146 -14.78 21.13 -13.56
C LEU D 146 -15.20 20.46 -14.88
N TRP D 147 -16.50 20.24 -15.07
CA TRP D 147 -16.99 19.52 -16.25
C TRP D 147 -16.92 20.37 -17.49
N LYS D 148 -16.87 21.69 -17.33
CA LYS D 148 -17.12 22.59 -18.45
C LYS D 148 -16.22 22.36 -19.66
N PRO D 149 -14.89 22.21 -19.55
CA PRO D 149 -14.10 22.04 -20.79
C PRO D 149 -14.51 20.80 -21.58
N THR D 150 -14.73 19.70 -20.89
CA THR D 150 -15.17 18.47 -21.54
C THR D 150 -16.56 18.64 -22.13
N LEU D 151 -17.49 19.21 -21.36
CA LEU D 151 -18.84 19.40 -21.87
C LEU D 151 -18.84 20.33 -23.09
N ASP D 152 -17.96 21.34 -23.10
CA ASP D 152 -17.86 22.19 -24.29
C ASP D 152 -17.39 21.40 -25.50
N GLN D 153 -16.40 20.52 -25.30
CA GLN D 153 -15.98 19.69 -26.42
C GLN D 153 -17.09 18.74 -26.86
N LEU D 154 -17.79 18.15 -25.89
CA LEU D 154 -18.88 17.25 -26.22
C LEU D 154 -19.98 17.99 -26.99
N LEU D 155 -20.29 19.22 -26.56
CA LEU D 155 -21.28 20.03 -27.26
C LEU D 155 -20.84 20.31 -28.69
N ALA D 156 -19.56 20.65 -28.90
CA ALA D 156 -19.08 20.87 -30.27
C ALA D 156 -19.20 19.61 -31.12
N VAL D 157 -18.78 18.46 -30.56
CA VAL D 157 -18.87 17.20 -31.31
C VAL D 157 -20.31 16.92 -31.71
N LEU D 158 -21.24 17.07 -30.76
CA LEU D 158 -22.65 16.80 -31.05
C LEU D 158 -23.20 17.78 -32.08
N GLN D 159 -22.81 19.06 -31.97
CA GLN D 159 -23.33 20.06 -32.90
C GLN D 159 -22.86 19.77 -34.31
N GLU D 160 -21.61 19.33 -34.45
CA GLU D 160 -21.14 18.92 -35.77
C GLU D 160 -22.00 17.79 -36.29
N LYS D 161 -22.38 16.85 -35.42
CA LYS D 161 -23.20 15.74 -35.89
C LYS D 161 -24.63 16.14 -36.24
N HIS D 162 -25.11 17.31 -35.80
CA HIS D 162 -26.52 17.66 -35.92
C HIS D 162 -26.75 18.93 -36.75
N LYS D 163 -25.83 19.26 -37.67
CA LYS D 163 -25.95 20.51 -38.42
C LYS D 163 -27.21 20.50 -39.27
N GLY D 164 -27.95 21.60 -39.22
CA GLY D 164 -29.14 21.73 -40.03
C GLY D 164 -30.34 20.96 -39.53
N LYS D 165 -30.32 20.51 -38.26
CA LYS D 165 -31.34 19.60 -37.76
C LYS D 165 -32.29 20.30 -36.79
N PRO D 166 -33.52 19.82 -36.66
CA PRO D 166 -34.46 20.42 -35.71
C PRO D 166 -33.98 20.26 -34.28
N ALA D 167 -34.58 21.07 -33.40
CA ALA D 167 -34.23 21.05 -31.99
C ALA D 167 -34.25 19.64 -31.45
N THR D 168 -33.16 19.27 -30.79
CA THR D 168 -33.02 17.94 -30.22
C THR D 168 -32.37 18.04 -28.85
N THR D 169 -32.82 17.20 -27.92
CA THR D 169 -32.22 17.13 -26.60
C THR D 169 -31.81 15.69 -26.29
N VAL D 170 -30.57 15.53 -25.83
CA VAL D 170 -30.02 14.25 -25.42
C VAL D 170 -29.87 14.26 -23.90
N THR D 171 -30.42 13.24 -23.24
CA THR D 171 -30.39 13.10 -21.79
C THR D 171 -29.54 11.90 -21.39
N TYR D 172 -28.53 12.19 -20.59
CA TYR D 172 -27.67 11.20 -19.99
C TYR D 172 -27.93 11.20 -18.49
N GLU D 173 -28.20 10.04 -17.88
CA GLU D 173 -27.72 9.74 -16.50
C GLU D 173 -26.31 9.31 -16.34
N ILE D 174 -25.67 10.00 -15.39
CA ILE D 174 -24.29 9.80 -15.05
C ILE D 174 -24.30 9.28 -13.62
N SER D 175 -23.95 8.00 -13.48
CA SER D 175 -23.76 7.38 -12.20
C SER D 175 -22.73 6.31 -12.43
N ALA D 176 -22.18 5.78 -11.34
CA ALA D 176 -21.25 4.65 -11.48
C ALA D 176 -21.89 3.51 -12.27
N GLU D 177 -23.18 3.26 -12.03
CA GLU D 177 -23.84 2.12 -12.67
C GLU D 177 -24.01 2.33 -14.17
N THR D 178 -24.48 3.51 -14.61
CA THR D 178 -24.71 3.70 -16.04
C THR D 178 -23.39 3.80 -16.81
N LEU D 179 -22.36 4.39 -16.20
CA LEU D 179 -21.05 4.45 -16.85
C LEU D 179 -20.42 3.07 -16.96
N ARG D 180 -20.58 2.23 -15.92
CA ARG D 180 -20.14 0.85 -16.00
C ARG D 180 -20.85 0.11 -17.13
N ALA D 181 -22.16 0.33 -17.26
CA ALA D 181 -22.92 -0.32 -18.33
C ALA D 181 -22.47 0.16 -19.71
N ALA D 182 -22.20 1.45 -19.84
CA ALA D 182 -21.74 1.97 -21.13
C ALA D 182 -20.40 1.34 -21.52
N VAL D 183 -19.47 1.26 -20.58
CA VAL D 183 -18.17 0.72 -20.93
C VAL D 183 -18.27 -0.79 -21.20
N ALA D 184 -19.11 -1.50 -20.45
CA ALA D 184 -19.29 -2.93 -20.74
C ALA D 184 -19.86 -3.14 -22.14
N ALA D 185 -20.85 -2.33 -22.53
CA ALA D 185 -21.44 -2.45 -23.85
C ALA D 185 -20.41 -2.14 -24.94
N LEU D 186 -19.58 -1.11 -24.71
CA LEU D 186 -18.52 -0.81 -25.67
C LEU D 186 -17.55 -1.99 -25.78
N ALA D 187 -17.24 -2.61 -24.66
CA ALA D 187 -16.31 -3.74 -24.66
C ALA D 187 -16.88 -4.92 -25.44
N ARG D 188 -18.15 -5.26 -25.21
CA ARG D 188 -18.75 -6.38 -25.93
CA ARG D 188 -18.77 -6.37 -25.92
C ARG D 188 -18.83 -6.11 -27.43
N ALA D 189 -19.23 -4.89 -27.81
CA ALA D 189 -19.24 -4.56 -29.23
C ALA D 189 -17.83 -4.58 -29.82
N ALA D 190 -16.83 -4.12 -29.06
CA ALA D 190 -15.46 -4.16 -29.54
C ALA D 190 -14.99 -5.60 -29.74
N GLU D 191 -15.36 -6.50 -28.83
CA GLU D 191 -15.02 -7.91 -29.03
C GLU D 191 -15.63 -8.44 -30.30
N ALA D 192 -16.91 -8.13 -30.56
CA ALA D 192 -17.53 -8.58 -31.80
C ALA D 192 -16.77 -8.05 -33.03
N ALA D 193 -16.35 -6.79 -32.97
CA ALA D 193 -15.58 -6.22 -34.09
C ALA D 193 -14.25 -6.95 -34.26
N LEU D 194 -13.56 -7.22 -33.16
CA LEU D 194 -12.26 -7.90 -33.25
C LEU D 194 -12.42 -9.31 -33.81
N ARG D 195 -13.47 -10.01 -33.39
CA ARG D 195 -13.78 -11.33 -33.95
C ARG D 195 -13.92 -11.25 -35.46
N ARG D 196 -14.64 -10.25 -35.97
CA ARG D 196 -14.72 -10.09 -37.42
C ARG D 196 -13.38 -9.72 -38.03
N LYS D 197 -12.54 -8.99 -37.31
CA LYS D 197 -11.27 -8.48 -37.88
C LYS D 197 -10.19 -9.54 -37.98
N VAL D 198 -10.09 -10.46 -37.01
CA VAL D 198 -9.10 -11.52 -37.07
C VAL D 198 -9.73 -12.75 -37.70
N GLY D 199 -8.94 -13.45 -38.52
CA GLY D 199 -9.38 -14.68 -39.16
C GLY D 199 -10.80 -14.75 -39.70
S SO4 E . -1.45 -8.85 10.95
O1 SO4 E . -1.36 -10.05 10.11
O2 SO4 E . -1.40 -9.26 12.36
O3 SO4 E . -0.36 -7.92 10.67
O4 SO4 E . -2.69 -8.14 10.65
S SO4 F . -2.00 20.52 11.65
O1 SO4 F . -1.22 19.39 11.17
O2 SO4 F . -3.31 20.08 12.16
O3 SO4 F . -2.15 21.46 10.54
O4 SO4 F . -1.26 21.24 12.69
S SO4 G . -5.40 6.95 34.82
O1 SO4 G . -5.66 5.71 35.56
O2 SO4 G . -3.98 7.27 35.04
O3 SO4 G . -5.71 6.73 33.40
O4 SO4 G . -6.27 8.02 35.33
S SO4 H . -3.00 6.86 -10.40
O1 SO4 H . -3.56 5.74 -11.18
O2 SO4 H . -3.34 6.60 -9.00
O3 SO4 H . -1.57 6.95 -10.59
O4 SO4 H . -3.62 8.12 -10.82
S SO4 I . -26.09 7.03 -20.30
O1 SO4 I . -26.19 5.87 -19.42
O2 SO4 I . -25.36 6.60 -21.50
O3 SO4 I . -25.33 8.10 -19.64
O4 SO4 I . -27.45 7.55 -20.60
S SO4 J . 6.20 -6.38 -33.81
O1 SO4 J . 5.95 -7.04 -35.10
O2 SO4 J . 6.71 -7.37 -32.86
O3 SO4 J . 7.20 -5.33 -33.99
O4 SO4 J . 4.96 -5.81 -33.26
#